data_2WY6
#
_entry.id   2WY6
#
_cell.length_a   107.238
_cell.length_b   107.238
_cell.length_c   225.087
_cell.angle_alpha   90.00
_cell.angle_beta   90.00
_cell.angle_gamma   90.00
#
_symmetry.space_group_name_H-M   'P 43 21 2'
#
loop_
_entity.id
_entity.type
_entity.pdbx_description
1 polymer 'PHOSPHOLIPASE C'
2 non-polymer 'ZINC ION'
3 non-polymer 'CADMIUM ION'
4 non-polymer 'CALCIUM ION'
5 non-polymer GLYCEROL
#
_entity_poly.entity_id   1
_entity_poly.type   'polypeptide(L)'
_entity_poly.pdbx_seq_one_letter_code
;WDGKIDGTGTHAMIVTQGVSILENDLSKNEPESVRKNLEILKENMHELQLGSTYPDYDKNAYDLYQDHFWDPDIDNNFSK
DNSWYLAYSIPDTGESQIRKFSALARYEWQRGNYKQATFYLGEAMHYFGDIDTPYHPANVTAVDSAGHVKFETFAEERKE
QYKINTAGCKTNEAFYTDILKNKDFNAWSKEYARGFAKTGKSIYYSHASMSHSWDDWDYAAKVTLANSQKGTAGYIYRFL
HDVSEGNDPSVGKNVKELVAYISTSGEKDAGTDDYMYFGIKTKDGKTQEWEMDNPGNDFMTGSKDTYTFKLKDENLKIDD
IQNMWIRKRKYTAFPDAYKPENIKIIANGKVVVDKDINEWISGNSTYNIK
;
_entity_poly.pdbx_strand_id   A,B,C
#
loop_
_chem_comp.id
_chem_comp.type
_chem_comp.name
_chem_comp.formula
CA non-polymer 'CALCIUM ION' 'Ca 2'
CD non-polymer 'CADMIUM ION' 'Cd 2'
GOL non-polymer GLYCEROL 'C3 H8 O3'
ZN non-polymer 'ZINC ION' 'Zn 2'
#
# COMPACT_ATOMS: atom_id res chain seq x y z
N TRP A 1 -19.69 -12.30 -20.55
CA TRP A 1 -21.14 -12.25 -20.71
C TRP A 1 -21.77 -11.42 -19.62
N ASP A 2 -22.99 -10.95 -19.86
CA ASP A 2 -23.70 -10.18 -18.86
C ASP A 2 -24.14 -11.11 -17.75
N GLY A 3 -24.22 -10.58 -16.53
CA GLY A 3 -24.74 -11.36 -15.41
C GLY A 3 -25.29 -10.43 -14.36
N LYS A 4 -26.44 -10.77 -13.77
CA LYS A 4 -27.03 -10.04 -12.64
C LYS A 4 -26.82 -10.81 -11.31
N ILE A 5 -26.49 -10.09 -10.24
CA ILE A 5 -26.18 -10.67 -8.91
C ILE A 5 -27.11 -11.74 -8.35
N ASP A 6 -28.42 -11.59 -8.61
CA ASP A 6 -29.40 -12.60 -8.20
C ASP A 6 -29.29 -13.89 -9.02
N GLY A 7 -28.20 -14.05 -9.77
CA GLY A 7 -27.93 -15.28 -10.50
C GLY A 7 -28.79 -15.49 -11.72
N THR A 8 -28.96 -14.44 -12.51
CA THR A 8 -29.74 -14.52 -13.73
C THR A 8 -28.97 -13.90 -14.89
N GLY A 9 -29.45 -14.11 -16.12
CA GLY A 9 -28.83 -13.49 -17.27
C GLY A 9 -27.94 -14.46 -18.03
N THR A 10 -27.17 -13.94 -18.98
CA THR A 10 -26.43 -14.82 -19.89
C THR A 10 -25.61 -15.87 -19.14
N HIS A 11 -24.83 -15.46 -18.14
CA HIS A 11 -23.97 -16.40 -17.40
C HIS A 11 -24.73 -17.54 -16.75
N ALA A 12 -25.87 -17.23 -16.13
CA ALA A 12 -26.72 -18.23 -15.49
C ALA A 12 -27.40 -19.16 -16.49
N MET A 13 -27.80 -18.61 -17.64
CA MET A 13 -28.34 -19.43 -18.70
C MET A 13 -27.33 -20.47 -19.19
N ILE A 14 -26.06 -20.08 -19.24
CA ILE A 14 -25.00 -20.97 -19.70
C ILE A 14 -24.82 -22.15 -18.76
N VAL A 15 -24.72 -21.91 -17.45
CA VAL A 15 -24.53 -23.03 -16.49
C VAL A 15 -25.77 -23.88 -16.46
N THR A 16 -26.91 -23.22 -16.46
CA THR A 16 -28.17 -23.92 -16.42
C THR A 16 -28.32 -24.89 -17.58
N GLN A 17 -27.93 -24.45 -18.78
CA GLN A 17 -27.98 -25.30 -19.97
C GLN A 17 -26.90 -26.33 -19.92
N GLY A 18 -25.72 -25.94 -19.46
CA GLY A 18 -24.62 -26.87 -19.32
C GLY A 18 -25.00 -28.12 -18.53
N VAL A 19 -25.83 -27.93 -17.50
CA VAL A 19 -26.30 -29.04 -16.69
C VAL A 19 -27.32 -29.83 -17.46
N SER A 20 -28.34 -29.14 -17.95
CA SER A 20 -29.40 -29.75 -18.73
C SER A 20 -28.81 -30.55 -19.91
N ILE A 21 -27.74 -30.04 -20.50
CA ILE A 21 -27.04 -30.75 -21.58
C ILE A 21 -26.40 -32.05 -21.09
N LEU A 22 -25.78 -32.02 -19.91
CA LEU A 22 -25.05 -33.18 -19.39
C LEU A 22 -26.02 -34.33 -19.12
N GLU A 23 -27.24 -33.97 -18.73
CA GLU A 23 -28.31 -34.93 -18.55
C GLU A 23 -28.65 -35.58 -19.89
N ASN A 24 -29.02 -34.77 -20.87
CA ASN A 24 -29.41 -35.31 -22.16
C ASN A 24 -28.33 -36.11 -22.88
N ASP A 25 -27.08 -35.98 -22.45
CA ASP A 25 -25.95 -36.60 -23.16
C ASP A 25 -25.37 -37.73 -22.35
N LEU A 26 -25.87 -37.87 -21.12
CA LEU A 26 -25.31 -38.83 -20.16
C LEU A 26 -25.44 -40.29 -20.60
N SER A 27 -24.28 -40.95 -20.72
CA SER A 27 -24.21 -42.34 -21.16
C SER A 27 -24.87 -43.31 -20.19
N LYS A 28 -25.08 -44.55 -20.66
CA LYS A 28 -25.67 -45.58 -19.83
C LYS A 28 -24.60 -46.39 -19.07
N ASN A 29 -23.40 -46.46 -19.64
CA ASN A 29 -22.25 -47.09 -18.97
C ASN A 29 -21.62 -46.11 -18.01
N GLU A 30 -22.47 -45.33 -17.32
CA GLU A 30 -22.04 -44.26 -16.43
C GLU A 30 -22.28 -44.59 -14.94
N PRO A 31 -21.22 -44.55 -14.12
CA PRO A 31 -21.16 -44.95 -12.70
C PRO A 31 -22.31 -44.44 -11.88
N GLU A 32 -22.63 -45.18 -10.82
CA GLU A 32 -23.73 -44.80 -9.95
C GLU A 32 -23.42 -43.48 -9.26
N SER A 33 -22.18 -43.37 -8.79
CA SER A 33 -21.72 -42.21 -8.04
C SER A 33 -21.84 -40.90 -8.80
N VAL A 34 -21.39 -40.90 -10.07
CA VAL A 34 -21.49 -39.73 -10.95
C VAL A 34 -22.96 -39.29 -11.13
N ARG A 35 -23.84 -40.26 -11.33
CA ARG A 35 -25.26 -39.98 -11.53
C ARG A 35 -25.85 -39.42 -10.24
N LYS A 36 -25.35 -39.92 -9.11
CA LYS A 36 -25.82 -39.45 -7.80
C LYS A 36 -25.39 -38.00 -7.52
N ASN A 37 -24.11 -37.71 -7.71
CA ASN A 37 -23.59 -36.35 -7.49
C ASN A 37 -24.24 -35.32 -8.40
N LEU A 38 -24.55 -35.69 -9.65
CA LEU A 38 -25.21 -34.77 -10.55
C LEU A 38 -26.58 -34.40 -10.00
N GLU A 39 -27.14 -35.30 -9.19
CA GLU A 39 -28.42 -35.01 -8.53
C GLU A 39 -28.19 -33.96 -7.45
N ILE A 40 -27.16 -34.17 -6.66
CA ILE A 40 -26.73 -33.20 -5.65
C ILE A 40 -26.59 -31.83 -6.28
N LEU A 41 -25.83 -31.77 -7.37
CA LEU A 41 -25.60 -30.54 -8.12
C LEU A 41 -26.90 -29.84 -8.57
N LYS A 42 -27.85 -30.61 -9.11
CA LYS A 42 -29.15 -30.07 -9.50
C LYS A 42 -29.92 -29.60 -8.24
N GLU A 43 -29.69 -30.28 -7.11
CA GLU A 43 -30.29 -29.86 -5.84
C GLU A 43 -29.80 -28.47 -5.41
N ASN A 44 -28.68 -28.06 -5.99
CA ASN A 44 -28.05 -26.78 -5.68
C ASN A 44 -27.88 -25.91 -6.92
N MET A 45 -28.87 -25.97 -7.80
CA MET A 45 -28.83 -25.21 -9.05
C MET A 45 -28.79 -23.70 -8.76
N HIS A 46 -29.52 -23.28 -7.73
CA HIS A 46 -29.59 -21.87 -7.36
C HIS A 46 -28.19 -21.34 -7.02
N GLU A 47 -27.40 -22.13 -6.33
CA GLU A 47 -26.06 -21.70 -5.97
C GLU A 47 -25.12 -21.77 -7.18
N LEU A 48 -25.36 -22.70 -8.10
CA LEU A 48 -24.55 -22.80 -9.31
C LEU A 48 -24.75 -21.55 -10.16
N GLN A 49 -25.99 -21.08 -10.18
CA GLN A 49 -26.38 -19.89 -10.94
C GLN A 49 -25.89 -18.60 -10.30
N LEU A 50 -25.84 -18.57 -8.98
CA LEU A 50 -25.39 -17.41 -8.25
C LEU A 50 -23.88 -17.26 -8.38
N GLY A 51 -23.16 -18.39 -8.40
CA GLY A 51 -21.72 -18.34 -8.51
C GLY A 51 -21.33 -17.95 -9.90
N SER A 52 -22.18 -18.30 -10.86
CA SER A 52 -21.93 -18.06 -12.28
C SER A 52 -21.95 -16.56 -12.61
N THR A 53 -22.70 -15.78 -11.84
CA THR A 53 -22.84 -14.34 -12.09
C THR A 53 -21.99 -13.52 -11.14
N TYR A 54 -21.74 -14.06 -9.96
CA TYR A 54 -21.13 -13.31 -8.88
C TYR A 54 -19.74 -12.64 -9.17
N PRO A 55 -18.81 -13.32 -9.89
CA PRO A 55 -17.47 -12.73 -10.06
C PRO A 55 -17.44 -11.28 -10.61
N ASP A 56 -18.53 -10.88 -11.28
CA ASP A 56 -18.75 -9.52 -11.81
C ASP A 56 -19.06 -8.53 -10.71
N TYR A 57 -19.33 -9.03 -9.50
CA TYR A 57 -19.73 -8.21 -8.36
C TYR A 57 -18.83 -8.41 -7.11
N ASP A 58 -17.71 -9.10 -7.29
CA ASP A 58 -16.77 -9.30 -6.20
C ASP A 58 -15.82 -8.12 -6.15
N LYS A 59 -15.77 -7.44 -5.00
CA LYS A 59 -14.80 -6.38 -4.77
C LYS A 59 -13.41 -7.00 -4.52
N ASN A 60 -12.50 -6.77 -5.46
CA ASN A 60 -11.21 -7.42 -5.46
C ASN A 60 -10.08 -6.43 -5.38
N ALA A 61 -8.86 -6.93 -5.49
CA ALA A 61 -7.69 -6.09 -5.76
C ALA A 61 -7.58 -5.93 -7.29
N TYR A 62 -8.52 -6.53 -8.01
CA TYR A 62 -8.62 -6.36 -9.44
C TYR A 62 -9.62 -5.27 -9.73
N ASP A 63 -9.13 -4.03 -9.70
CA ASP A 63 -9.97 -2.84 -9.78
C ASP A 63 -10.81 -2.85 -11.05
N LEU A 64 -10.41 -3.66 -12.03
CA LEU A 64 -10.94 -3.53 -13.38
C LEU A 64 -11.32 -4.83 -14.08
N TYR A 65 -11.79 -5.83 -13.33
CA TYR A 65 -12.14 -7.12 -13.90
C TYR A 65 -10.96 -7.69 -14.69
N GLN A 66 -9.75 -7.36 -14.29
CA GLN A 66 -8.59 -7.81 -15.06
C GLN A 66 -8.55 -9.33 -15.19
N ASP A 67 -8.81 -10.04 -14.10
CA ASP A 67 -8.77 -11.49 -14.08
C ASP A 67 -9.81 -12.17 -14.99
N HIS A 68 -10.75 -11.39 -15.53
CA HIS A 68 -11.75 -11.92 -16.48
C HIS A 68 -11.28 -11.99 -17.96
N PHE A 69 -10.02 -11.67 -18.21
CA PHE A 69 -9.53 -11.68 -19.58
C PHE A 69 -8.41 -12.71 -19.71
N TRP A 70 -8.06 -13.02 -20.96
CA TRP A 70 -6.99 -13.99 -21.22
C TRP A 70 -6.67 -14.09 -22.72
N ASP A 71 -5.43 -13.76 -23.11
CA ASP A 71 -4.94 -13.98 -24.47
C ASP A 71 -4.41 -15.41 -24.57
N PRO A 72 -5.20 -16.31 -25.21
CA PRO A 72 -4.86 -17.74 -25.35
C PRO A 72 -3.58 -17.97 -26.13
N ASP A 73 -3.11 -16.92 -26.83
CA ASP A 73 -1.92 -16.99 -27.67
C ASP A 73 -0.66 -16.74 -26.87
N ILE A 74 -0.61 -15.57 -26.22
CA ILE A 74 0.58 -15.16 -25.47
C ILE A 74 1.25 -16.35 -24.77
N ASP A 81 8.59 -16.73 -19.02
CA ASP A 81 8.55 -15.85 -17.85
C ASP A 81 9.93 -15.31 -17.51
N ASN A 82 10.06 -14.71 -16.32
CA ASN A 82 11.24 -13.90 -16.02
C ASN A 82 11.55 -13.66 -14.55
N SER A 83 12.73 -13.10 -14.31
CA SER A 83 13.25 -12.86 -12.96
C SER A 83 12.29 -12.12 -12.03
N TRP A 84 11.52 -11.20 -12.62
CA TRP A 84 10.62 -10.33 -11.87
C TRP A 84 9.64 -11.06 -10.96
N TYR A 85 9.13 -12.20 -11.44
CA TYR A 85 8.02 -12.89 -10.78
C TYR A 85 8.44 -13.85 -9.69
N LEU A 86 9.74 -13.91 -9.46
CA LEU A 86 10.27 -14.68 -8.34
C LEU A 86 10.17 -13.81 -7.09
N ALA A 87 9.88 -12.53 -7.29
CA ALA A 87 9.80 -11.58 -6.20
C ALA A 87 8.39 -11.00 -6.09
N TYR A 88 7.58 -11.26 -7.11
CA TYR A 88 6.24 -10.67 -7.16
C TYR A 88 5.14 -11.69 -7.47
N SER A 89 3.94 -11.40 -6.99
CA SER A 89 2.78 -12.24 -7.29
C SER A 89 2.42 -12.12 -8.78
N ILE A 90 2.18 -13.25 -9.46
CA ILE A 90 1.69 -13.23 -10.83
C ILE A 90 0.21 -12.90 -10.89
N PRO A 91 -0.20 -12.14 -11.91
CA PRO A 91 -1.61 -11.78 -12.10
C PRO A 91 -2.42 -12.96 -12.60
N ASP A 92 -3.68 -13.02 -12.21
CA ASP A 92 -4.54 -14.11 -12.57
C ASP A 92 -5.24 -13.80 -13.87
N THR A 93 -5.74 -14.85 -14.52
CA THR A 93 -6.41 -14.72 -15.80
C THR A 93 -7.69 -15.51 -15.77
N GLY A 94 -8.50 -15.39 -16.81
CA GLY A 94 -9.72 -16.17 -16.91
C GLY A 94 -9.42 -17.66 -16.84
N GLU A 95 -8.29 -18.05 -17.42
CA GLU A 95 -7.86 -19.44 -17.39
C GLU A 95 -7.49 -19.82 -15.95
N SER A 96 -6.54 -19.07 -15.39
CA SER A 96 -6.07 -19.21 -14.02
C SER A 96 -7.19 -19.36 -12.99
N GLN A 97 -8.23 -18.55 -13.12
CA GLN A 97 -9.34 -18.57 -12.17
C GLN A 97 -10.21 -19.86 -12.25
N ILE A 98 -10.47 -20.32 -13.46
CA ILE A 98 -11.09 -21.61 -13.66
C ILE A 98 -10.39 -22.65 -12.81
N ARG A 99 -9.06 -22.70 -12.93
CA ARG A 99 -8.24 -23.65 -12.17
C ARG A 99 -8.36 -23.48 -10.66
N LYS A 100 -8.47 -22.23 -10.21
CA LYS A 100 -8.57 -21.94 -8.78
C LYS A 100 -9.95 -22.25 -8.18
N PHE A 101 -11.00 -21.85 -8.88
CA PHE A 101 -12.31 -22.10 -8.35
C PHE A 101 -12.69 -23.58 -8.45
N SER A 102 -12.10 -24.26 -9.42
CA SER A 102 -12.33 -25.68 -9.60
C SER A 102 -11.65 -26.39 -8.45
N ALA A 103 -10.49 -25.91 -8.06
CA ALA A 103 -9.80 -26.42 -6.86
C ALA A 103 -10.64 -26.21 -5.61
N LEU A 104 -11.24 -25.04 -5.46
CA LEU A 104 -12.08 -24.79 -4.28
C LEU A 104 -13.36 -25.63 -4.31
N ALA A 105 -13.99 -25.69 -5.48
CA ALA A 105 -15.20 -26.49 -5.67
C ALA A 105 -14.97 -27.95 -5.26
N ARG A 106 -13.86 -28.54 -5.72
CA ARG A 106 -13.54 -29.91 -5.39
C ARG A 106 -13.27 -30.08 -3.90
N TYR A 107 -12.55 -29.12 -3.33
CA TYR A 107 -12.21 -29.17 -1.92
C TYR A 107 -13.47 -29.19 -1.05
N GLU A 108 -14.39 -28.26 -1.28
CA GLU A 108 -15.61 -28.21 -0.49
C GLU A 108 -16.44 -29.46 -0.63
N TRP A 109 -16.44 -30.02 -1.84
CA TRP A 109 -17.27 -31.18 -2.14
C TRP A 109 -16.75 -32.38 -1.37
N GLN A 110 -15.45 -32.63 -1.49
CA GLN A 110 -14.84 -33.79 -0.85
C GLN A 110 -15.16 -33.84 0.63
N ARG A 111 -15.45 -32.69 1.22
CA ARG A 111 -15.69 -32.65 2.65
C ARG A 111 -17.11 -32.26 3.05
N GLY A 112 -18.04 -32.25 2.11
CA GLY A 112 -19.42 -32.11 2.51
C GLY A 112 -20.19 -30.86 2.08
N ASN A 113 -19.59 -29.67 2.16
CA ASN A 113 -20.35 -28.49 1.77
C ASN A 113 -20.65 -28.47 0.27
N TYR A 114 -21.74 -29.10 -0.13
CA TYR A 114 -22.14 -29.16 -1.55
C TYR A 114 -22.72 -27.83 -2.04
N LYS A 115 -23.41 -27.12 -1.15
CA LYS A 115 -24.00 -25.85 -1.51
C LYS A 115 -22.87 -24.89 -1.89
N GLN A 116 -21.86 -24.73 -1.03
CA GLN A 116 -20.78 -23.81 -1.34
C GLN A 116 -19.85 -24.36 -2.41
N ALA A 117 -19.65 -25.68 -2.41
CA ALA A 117 -18.90 -26.32 -3.46
C ALA A 117 -19.51 -25.95 -4.80
N THR A 118 -20.83 -26.09 -4.90
CA THR A 118 -21.56 -25.75 -6.13
C THR A 118 -21.45 -24.27 -6.51
N PHE A 119 -21.50 -23.39 -5.50
CA PHE A 119 -21.26 -21.96 -5.72
C PHE A 119 -19.86 -21.72 -6.34
N TYR A 120 -18.80 -22.23 -5.71
CA TYR A 120 -17.46 -22.08 -6.23
C TYR A 120 -17.40 -22.58 -7.67
N LEU A 121 -17.96 -23.76 -7.94
CA LEU A 121 -17.95 -24.34 -9.27
C LEU A 121 -18.64 -23.43 -10.28
N GLY A 122 -19.79 -22.90 -9.91
CA GLY A 122 -20.45 -21.87 -10.71
C GLY A 122 -19.55 -20.66 -10.99
N GLU A 123 -18.71 -20.29 -10.02
CA GLU A 123 -17.78 -19.19 -10.16
C GLU A 123 -16.70 -19.52 -11.19
N ALA A 124 -16.14 -20.73 -11.11
CA ALA A 124 -15.17 -21.19 -12.10
C ALA A 124 -15.77 -21.05 -13.49
N MET A 125 -17.01 -21.47 -13.63
CA MET A 125 -17.70 -21.42 -14.91
C MET A 125 -17.97 -19.99 -15.39
N HIS A 126 -17.97 -19.01 -14.47
CA HIS A 126 -18.13 -17.62 -14.88
C HIS A 126 -16.97 -17.28 -15.77
N TYR A 127 -15.78 -17.53 -15.26
CA TYR A 127 -14.57 -17.31 -16.00
C TYR A 127 -14.50 -18.07 -17.34
N PHE A 128 -14.83 -19.36 -17.37
CA PHE A 128 -14.83 -20.06 -18.64
C PHE A 128 -15.79 -19.38 -19.62
N GLY A 129 -17.03 -19.13 -19.21
CA GLY A 129 -17.95 -18.41 -20.07
C GLY A 129 -17.32 -17.15 -20.67
N ASP A 130 -16.51 -16.47 -19.87
CA ASP A 130 -15.86 -15.24 -20.31
C ASP A 130 -14.74 -15.43 -21.35
N ILE A 131 -13.97 -16.50 -21.24
CA ILE A 131 -12.92 -16.72 -22.22
C ILE A 131 -13.56 -17.30 -23.47
N ASP A 132 -14.87 -17.57 -23.38
CA ASP A 132 -15.63 -18.05 -24.54
C ASP A 132 -16.43 -16.91 -25.21
N THR A 133 -16.35 -15.72 -24.63
CA THR A 133 -16.86 -14.52 -25.28
C THR A 133 -15.87 -14.19 -26.37
N PRO A 134 -16.27 -13.35 -27.33
CA PRO A 134 -15.36 -12.86 -28.38
C PRO A 134 -14.38 -11.81 -27.86
N TYR A 135 -14.83 -10.94 -26.94
CA TYR A 135 -14.04 -9.82 -26.48
C TYR A 135 -13.02 -10.12 -25.39
N HIS A 136 -13.28 -11.09 -24.54
CA HIS A 136 -12.32 -11.38 -23.50
C HIS A 136 -11.05 -12.12 -23.96
N PRO A 137 -11.17 -13.12 -24.87
CA PRO A 137 -9.95 -13.79 -25.33
C PRO A 137 -9.14 -12.88 -26.26
N ALA A 138 -9.82 -11.96 -26.95
CA ALA A 138 -9.15 -11.04 -27.85
C ALA A 138 -8.61 -9.87 -27.06
N ASN A 139 -8.92 -9.86 -25.77
CA ASN A 139 -8.39 -8.89 -24.82
C ASN A 139 -8.82 -7.47 -25.17
N VAL A 140 -10.04 -7.36 -25.65
CA VAL A 140 -10.62 -6.06 -25.97
C VAL A 140 -11.59 -5.59 -24.87
N THR A 141 -11.12 -4.65 -24.06
CA THR A 141 -11.88 -4.21 -22.89
C THR A 141 -12.92 -3.20 -23.32
N ALA A 142 -13.83 -2.87 -22.41
CA ALA A 142 -14.90 -1.92 -22.71
C ALA A 142 -14.33 -0.53 -23.04
N VAL A 143 -13.11 -0.28 -22.58
CA VAL A 143 -12.36 0.91 -22.98
C VAL A 143 -11.83 0.65 -24.39
N ASP A 144 -11.03 -0.41 -24.53
CA ASP A 144 -10.46 -0.83 -25.81
C ASP A 144 -11.43 -0.66 -27.01
N SER A 145 -12.72 -0.89 -26.79
CA SER A 145 -13.73 -0.81 -27.86
C SER A 145 -15.15 -0.72 -27.30
N ALA A 146 -16.04 -0.05 -28.01
CA ALA A 146 -17.41 0.15 -27.53
C ALA A 146 -18.27 -1.06 -27.83
N GLY A 147 -17.72 -2.02 -28.55
CA GLY A 147 -18.46 -3.21 -28.94
C GLY A 147 -18.58 -4.23 -27.82
N HIS A 148 -17.59 -4.24 -26.91
CA HIS A 148 -17.60 -5.14 -25.78
C HIS A 148 -18.96 -5.12 -25.10
N VAL A 149 -19.37 -3.94 -24.66
CA VAL A 149 -20.59 -3.79 -23.89
C VAL A 149 -21.84 -3.94 -24.74
N LYS A 150 -21.82 -3.34 -25.93
CA LYS A 150 -22.98 -3.33 -26.83
C LYS A 150 -23.30 -4.75 -27.29
N PHE A 151 -22.26 -5.57 -27.44
CA PHE A 151 -22.44 -6.96 -27.85
C PHE A 151 -22.96 -7.87 -26.72
N GLU A 152 -22.20 -7.90 -25.62
CA GLU A 152 -22.58 -8.68 -24.45
C GLU A 152 -24.04 -8.43 -24.08
N THR A 153 -24.51 -7.24 -24.42
CA THR A 153 -25.87 -6.80 -24.14
C THR A 153 -26.86 -7.24 -25.22
N PHE A 154 -26.44 -7.09 -26.47
CA PHE A 154 -27.16 -7.64 -27.62
C PHE A 154 -27.44 -9.10 -27.38
N ALA A 155 -26.40 -9.83 -26.94
CA ALA A 155 -26.50 -11.25 -26.61
C ALA A 155 -27.32 -11.51 -25.33
N GLU A 156 -27.35 -10.55 -24.42
CA GLU A 156 -28.17 -10.67 -23.22
C GLU A 156 -29.63 -10.75 -23.61
N GLU A 157 -30.07 -9.78 -24.40
CA GLU A 157 -31.47 -9.66 -24.79
C GLU A 157 -31.92 -10.80 -25.68
N ARG A 158 -30.98 -11.65 -26.08
CA ARG A 158 -31.27 -12.73 -27.03
C ARG A 158 -30.86 -14.11 -26.50
N LYS A 159 -30.32 -14.14 -25.28
CA LYS A 159 -29.75 -15.37 -24.74
C LYS A 159 -30.63 -16.60 -24.95
N GLU A 160 -31.93 -16.43 -24.80
CA GLU A 160 -32.88 -17.53 -24.90
C GLU A 160 -32.82 -18.25 -26.24
N GLN A 161 -32.81 -17.49 -27.32
CA GLN A 161 -32.82 -18.08 -28.66
C GLN A 161 -31.49 -18.69 -29.10
N TYR A 162 -30.52 -18.78 -28.18
CA TYR A 162 -29.23 -19.42 -28.49
C TYR A 162 -28.94 -20.65 -27.61
N LYS A 163 -29.97 -21.14 -26.91
CA LYS A 163 -29.83 -22.28 -26.03
C LYS A 163 -29.55 -23.54 -26.85
N ILE A 164 -28.87 -24.51 -26.25
CA ILE A 164 -28.63 -25.80 -26.90
C ILE A 164 -28.82 -26.98 -25.92
N ASN A 165 -29.42 -28.07 -26.41
CA ASN A 165 -29.80 -29.19 -25.56
C ASN A 165 -28.71 -30.23 -25.40
N THR A 166 -27.80 -30.29 -26.38
CA THR A 166 -26.76 -31.31 -26.37
C THR A 166 -25.40 -30.82 -26.86
N ALA A 167 -24.33 -31.48 -26.41
CA ALA A 167 -22.99 -31.23 -26.92
C ALA A 167 -22.84 -31.81 -28.32
N GLY A 168 -23.69 -32.77 -28.66
CA GLY A 168 -23.63 -33.41 -29.97
C GLY A 168 -23.16 -34.86 -29.88
N CYS A 169 -22.33 -35.14 -28.88
CA CYS A 169 -21.84 -36.48 -28.64
C CYS A 169 -22.65 -37.12 -27.50
N LYS A 170 -22.18 -38.26 -27.00
CA LYS A 170 -22.74 -38.89 -25.80
C LYS A 170 -21.56 -39.10 -24.86
N THR A 171 -21.82 -39.44 -23.60
CA THR A 171 -20.72 -39.53 -22.64
C THR A 171 -19.70 -40.58 -23.05
N ASN A 172 -20.13 -41.54 -23.85
CA ASN A 172 -19.23 -42.54 -24.40
C ASN A 172 -18.45 -42.03 -25.63
N GLU A 173 -19.02 -41.04 -26.32
CA GLU A 173 -18.44 -40.54 -27.56
C GLU A 173 -17.21 -39.66 -27.31
N ALA A 174 -16.73 -38.99 -28.36
CA ALA A 174 -15.39 -38.39 -28.37
C ALA A 174 -15.20 -37.25 -27.38
N PHE A 175 -15.98 -36.19 -27.59
CA PHE A 175 -15.86 -34.96 -26.82
C PHE A 175 -15.74 -35.17 -25.31
N TYR A 176 -16.56 -36.05 -24.78
CA TYR A 176 -16.66 -36.25 -23.34
C TYR A 176 -15.62 -37.22 -22.76
N THR A 177 -14.91 -37.95 -23.60
CA THR A 177 -14.01 -38.94 -23.07
C THR A 177 -12.56 -38.45 -23.01
N ASP A 178 -12.25 -37.44 -23.83
CA ASP A 178 -10.94 -36.80 -23.80
C ASP A 178 -10.84 -36.04 -22.50
N ILE A 179 -11.99 -35.49 -22.10
CA ILE A 179 -12.08 -34.67 -20.89
C ILE A 179 -11.56 -35.46 -19.70
N LEU A 180 -11.85 -36.76 -19.71
CA LEU A 180 -11.46 -37.61 -18.62
C LEU A 180 -10.07 -38.20 -18.84
N LYS A 181 -9.63 -38.21 -20.10
CA LYS A 181 -8.37 -38.86 -20.48
C LYS A 181 -7.20 -38.40 -19.61
N ASN A 182 -7.06 -37.09 -19.41
CA ASN A 182 -5.91 -36.56 -18.69
C ASN A 182 -6.11 -36.51 -17.16
N LYS A 183 -5.20 -37.17 -16.44
CA LYS A 183 -5.32 -37.26 -14.99
C LYS A 183 -4.98 -35.93 -14.30
N ASP A 184 -4.22 -35.08 -14.97
CA ASP A 184 -3.89 -33.75 -14.43
C ASP A 184 -4.94 -32.69 -14.85
N PHE A 185 -5.73 -32.26 -13.88
CA PHE A 185 -6.80 -31.33 -14.17
C PHE A 185 -6.25 -30.06 -14.75
N ASN A 186 -5.33 -29.44 -14.00
CA ASN A 186 -4.77 -28.15 -14.38
C ASN A 186 -4.20 -28.16 -15.80
N ALA A 187 -3.59 -29.29 -16.17
CA ALA A 187 -3.00 -29.46 -17.49
C ALA A 187 -4.10 -29.50 -18.55
N TRP A 188 -5.10 -30.35 -18.31
CA TRP A 188 -6.22 -30.49 -19.23
C TRP A 188 -7.00 -29.20 -19.38
N SER A 189 -7.30 -28.57 -18.24
CA SER A 189 -8.14 -27.37 -18.18
C SER A 189 -7.57 -26.23 -19.03
N LYS A 190 -6.27 -25.97 -18.88
CA LYS A 190 -5.61 -24.91 -19.63
C LYS A 190 -5.84 -25.09 -21.13
N GLU A 191 -5.66 -26.32 -21.61
CA GLU A 191 -5.71 -26.56 -23.03
C GLU A 191 -7.13 -26.63 -23.55
N TYR A 192 -7.96 -27.38 -22.83
CA TYR A 192 -9.40 -27.42 -23.08
C TYR A 192 -9.88 -25.99 -23.26
N ALA A 193 -9.67 -25.18 -22.22
CA ALA A 193 -10.06 -23.78 -22.21
C ALA A 193 -9.41 -22.98 -23.34
N ARG A 194 -8.15 -23.29 -23.64
CA ARG A 194 -7.45 -22.57 -24.71
C ARG A 194 -8.15 -22.74 -26.04
N GLY A 195 -8.71 -23.94 -26.26
CA GLY A 195 -9.32 -24.26 -27.53
C GLY A 195 -10.52 -23.37 -27.75
N PHE A 196 -11.35 -23.31 -26.73
CA PHE A 196 -12.59 -22.55 -26.78
C PHE A 196 -12.30 -21.08 -26.88
N ALA A 197 -11.28 -20.66 -26.14
CA ALA A 197 -10.90 -19.28 -26.04
C ALA A 197 -10.29 -18.84 -27.35
N LYS A 198 -9.54 -19.73 -27.99
CA LYS A 198 -8.99 -19.47 -29.31
C LYS A 198 -10.09 -19.22 -30.37
N THR A 199 -11.14 -20.03 -30.31
CA THR A 199 -12.30 -19.81 -31.16
C THR A 199 -12.97 -18.45 -30.89
N GLY A 200 -12.89 -17.97 -29.64
CA GLY A 200 -13.35 -16.64 -29.31
C GLY A 200 -12.58 -15.55 -30.03
N LYS A 201 -11.26 -15.49 -29.86
CA LYS A 201 -10.41 -14.47 -30.48
C LYS A 201 -10.79 -14.43 -31.96
N SER A 202 -10.98 -15.61 -32.54
CA SER A 202 -11.26 -15.76 -33.98
C SER A 202 -12.55 -15.12 -34.41
N ILE A 203 -13.60 -15.34 -33.62
CA ILE A 203 -14.93 -14.80 -33.91
C ILE A 203 -15.00 -13.29 -33.68
N TYR A 204 -14.13 -12.77 -32.82
CA TYR A 204 -14.03 -11.34 -32.67
C TYR A 204 -13.62 -10.73 -33.99
N TYR A 205 -12.51 -11.21 -34.52
CA TYR A 205 -11.92 -10.57 -35.69
C TYR A 205 -12.79 -10.65 -36.95
N SER A 206 -13.46 -11.81 -37.04
CA SER A 206 -14.28 -12.15 -38.19
C SER A 206 -15.76 -11.73 -38.10
N HIS A 207 -16.38 -11.90 -36.95
CA HIS A 207 -17.80 -11.60 -36.92
C HIS A 207 -18.24 -10.56 -35.89
N ALA A 208 -17.55 -10.49 -34.76
CA ALA A 208 -18.09 -9.78 -33.59
C ALA A 208 -17.41 -8.46 -33.23
N SER A 209 -16.42 -8.04 -34.01
CA SER A 209 -15.82 -6.73 -33.84
C SER A 209 -16.84 -5.62 -34.15
N MET A 210 -16.50 -4.38 -33.80
CA MET A 210 -17.36 -3.22 -34.08
C MET A 210 -17.58 -3.01 -35.58
N SER A 211 -16.58 -3.35 -36.39
CA SER A 211 -16.64 -3.26 -37.86
C SER A 211 -17.63 -4.32 -38.37
N HIS A 212 -17.12 -5.58 -38.40
CA HIS A 212 -17.83 -6.82 -38.82
C HIS A 212 -19.37 -6.59 -38.44
N SER A 213 -20.34 -7.08 -39.23
CA SER A 213 -21.75 -6.52 -39.25
C SER A 213 -22.78 -6.87 -38.15
N TRP A 214 -24.07 -6.58 -38.37
CA TRP A 214 -25.12 -6.90 -37.38
C TRP A 214 -25.77 -8.29 -37.53
N ASP A 215 -25.94 -8.74 -38.76
CA ASP A 215 -26.28 -10.14 -38.99
C ASP A 215 -25.00 -10.97 -38.77
N ASP A 216 -23.88 -10.26 -38.67
CA ASP A 216 -22.60 -10.87 -38.31
C ASP A 216 -22.56 -11.11 -36.80
N TRP A 217 -23.13 -10.19 -36.03
CA TRP A 217 -23.23 -10.37 -34.58
C TRP A 217 -24.17 -11.52 -34.18
N ASP A 218 -25.29 -11.68 -34.90
CA ASP A 218 -26.19 -12.80 -34.60
C ASP A 218 -25.48 -14.14 -34.74
N TYR A 219 -24.74 -14.31 -35.82
CA TYR A 219 -23.95 -15.52 -36.00
C TYR A 219 -22.90 -15.66 -34.92
N ALA A 220 -22.24 -14.54 -34.61
CA ALA A 220 -21.21 -14.50 -33.57
C ALA A 220 -21.70 -15.01 -32.20
N ALA A 221 -22.84 -14.50 -31.76
CA ALA A 221 -23.42 -14.88 -30.48
C ALA A 221 -23.84 -16.35 -30.49
N LYS A 222 -24.43 -16.79 -31.60
CA LYS A 222 -24.89 -18.18 -31.71
C LYS A 222 -23.75 -19.15 -31.39
N VAL A 223 -22.62 -18.93 -32.04
CA VAL A 223 -21.45 -19.79 -31.91
C VAL A 223 -20.88 -19.76 -30.50
N THR A 224 -20.57 -18.57 -30.03
CA THR A 224 -19.85 -18.44 -28.77
C THR A 224 -20.72 -18.82 -27.57
N LEU A 225 -22.02 -18.59 -27.67
CA LEU A 225 -22.90 -18.97 -26.59
C LEU A 225 -23.14 -20.47 -26.59
N ALA A 226 -23.20 -21.07 -27.79
CA ALA A 226 -23.31 -22.52 -27.92
C ALA A 226 -22.04 -23.17 -27.40
N ASN A 227 -20.89 -22.62 -27.78
CA ASN A 227 -19.61 -23.10 -27.30
C ASN A 227 -19.55 -23.04 -25.79
N SER A 228 -20.04 -21.94 -25.23
CA SER A 228 -19.99 -21.72 -23.80
C SER A 228 -20.82 -22.78 -23.10
N GLN A 229 -21.87 -23.22 -23.77
CA GLN A 229 -22.67 -24.29 -23.21
C GLN A 229 -21.96 -25.65 -23.35
N LYS A 230 -21.60 -26.08 -24.57
CA LYS A 230 -20.90 -27.38 -24.75
C LYS A 230 -19.65 -27.43 -23.88
N GLY A 231 -18.98 -26.30 -23.74
CA GLY A 231 -17.76 -26.24 -22.95
C GLY A 231 -18.06 -26.33 -21.47
N THR A 232 -19.06 -25.60 -21.02
CA THR A 232 -19.42 -25.60 -19.62
C THR A 232 -19.84 -27.00 -19.17
N ALA A 233 -20.62 -27.68 -20.02
CA ALA A 233 -21.02 -29.08 -19.80
C ALA A 233 -19.80 -30.00 -19.63
N GLY A 234 -18.82 -29.87 -20.53
CA GLY A 234 -17.55 -30.57 -20.39
C GLY A 234 -16.95 -30.44 -19.00
N TYR A 235 -16.75 -29.20 -18.56
CA TYR A 235 -16.18 -28.91 -17.27
C TYR A 235 -16.98 -29.54 -16.14
N ILE A 236 -18.30 -29.38 -16.16
CA ILE A 236 -19.13 -29.97 -15.13
C ILE A 236 -18.95 -31.49 -15.08
N TYR A 237 -19.10 -32.11 -16.25
CA TYR A 237 -18.82 -33.54 -16.41
C TYR A 237 -17.47 -33.90 -15.74
N ARG A 238 -16.37 -33.34 -16.24
CA ARG A 238 -15.08 -33.51 -15.57
C ARG A 238 -15.20 -33.38 -14.05
N PHE A 239 -15.90 -32.35 -13.61
CA PHE A 239 -16.03 -32.12 -12.19
C PHE A 239 -16.70 -33.30 -11.52
N LEU A 240 -17.83 -33.74 -12.08
CA LEU A 240 -18.60 -34.85 -11.50
C LEU A 240 -17.77 -36.14 -11.34
N HIS A 241 -16.93 -36.41 -12.32
CA HIS A 241 -16.03 -37.54 -12.20
C HIS A 241 -14.98 -37.28 -11.11
N ASP A 242 -14.34 -36.12 -11.14
CA ASP A 242 -13.24 -35.82 -10.24
C ASP A 242 -13.59 -35.96 -8.75
N VAL A 243 -14.84 -35.76 -8.41
CA VAL A 243 -15.25 -35.78 -7.01
C VAL A 243 -15.98 -37.06 -6.57
N SER A 244 -15.94 -38.08 -7.42
CA SER A 244 -16.54 -39.37 -7.10
C SER A 244 -15.47 -40.41 -6.82
N GLU A 245 -14.24 -40.16 -7.27
CA GLU A 245 -13.17 -41.12 -7.08
C GLU A 245 -12.16 -40.54 -6.12
N GLY A 246 -12.40 -39.32 -5.66
CA GLY A 246 -11.44 -38.62 -4.84
C GLY A 246 -10.21 -38.34 -5.66
N ASN A 247 -10.47 -38.02 -6.93
CA ASN A 247 -9.45 -37.74 -7.92
C ASN A 247 -8.55 -36.60 -7.46
N ASP A 248 -7.26 -36.75 -7.75
CA ASP A 248 -6.21 -36.16 -6.94
C ASP A 248 -4.98 -35.71 -7.77
N PRO A 249 -5.07 -34.51 -8.40
CA PRO A 249 -3.95 -34.04 -9.24
C PRO A 249 -2.78 -33.49 -8.38
N LYS A 253 3.46 -34.79 -8.21
CA LYS A 253 3.93 -33.84 -9.22
C LYS A 253 4.76 -32.71 -8.59
N ASN A 254 5.38 -31.92 -9.45
CA ASN A 254 6.21 -30.81 -9.01
C ASN A 254 5.40 -29.57 -8.65
N VAL A 255 5.68 -28.98 -7.49
CA VAL A 255 5.09 -27.69 -7.15
C VAL A 255 5.88 -26.57 -7.80
N LYS A 256 5.34 -26.03 -8.89
CA LYS A 256 5.99 -24.93 -9.60
C LYS A 256 5.33 -23.56 -9.28
N GLU A 257 4.06 -23.59 -8.85
CA GLU A 257 3.32 -22.39 -8.47
C GLU A 257 2.58 -22.64 -7.17
N LEU A 258 2.28 -21.58 -6.43
CA LEU A 258 1.35 -21.67 -5.32
C LEU A 258 0.26 -20.61 -5.44
N VAL A 259 -1.00 -20.99 -5.21
CA VAL A 259 -2.08 -20.01 -5.22
C VAL A 259 -2.55 -19.77 -3.80
N ALA A 260 -2.59 -18.51 -3.37
CA ALA A 260 -3.10 -18.17 -2.04
C ALA A 260 -4.42 -17.46 -2.22
N TYR A 261 -5.44 -17.94 -1.53
CA TYR A 261 -6.74 -17.32 -1.66
C TYR A 261 -7.07 -16.76 -0.31
N ILE A 262 -6.87 -15.46 -0.15
CA ILE A 262 -6.98 -14.81 1.15
C ILE A 262 -8.30 -14.06 1.36
N SER A 263 -9.08 -14.52 2.33
CA SER A 263 -10.31 -13.85 2.70
C SER A 263 -10.01 -12.90 3.86
N THR A 264 -10.29 -11.61 3.67
CA THR A 264 -10.04 -10.60 4.69
C THR A 264 -11.31 -10.40 5.50
N SER A 265 -11.16 -10.04 6.78
CA SER A 265 -12.30 -9.92 7.69
C SER A 265 -13.27 -8.80 7.25
N GLY A 266 -14.51 -8.88 7.74
CA GLY A 266 -15.53 -7.90 7.44
C GLY A 266 -15.62 -6.73 8.43
N GLU A 267 -15.04 -6.93 9.62
CA GLU A 267 -15.02 -5.92 10.67
C GLU A 267 -14.27 -4.65 10.23
N LYS A 268 -14.68 -3.50 10.74
CA LYS A 268 -14.07 -2.23 10.35
C LYS A 268 -12.53 -2.25 10.45
N ASP A 269 -11.88 -1.44 9.62
CA ASP A 269 -10.41 -1.30 9.63
C ASP A 269 -9.68 -2.64 9.70
N ALA A 270 -10.29 -3.69 9.16
CA ALA A 270 -9.64 -5.02 9.07
C ALA A 270 -8.65 -5.11 7.89
N GLY A 271 -8.84 -4.23 6.90
CA GLY A 271 -7.97 -4.18 5.75
C GLY A 271 -6.70 -3.38 6.03
N THR A 272 -5.72 -3.49 5.15
CA THR A 272 -4.47 -2.74 5.29
C THR A 272 -3.97 -2.09 3.99
N ASP A 273 -3.47 -0.87 4.11
CA ASP A 273 -2.82 -0.22 2.99
C ASP A 273 -1.30 -0.44 3.15
N ASP A 274 -0.92 -1.30 4.09
CA ASP A 274 0.49 -1.65 4.34
C ASP A 274 0.98 -2.73 3.40
N TYR A 275 2.31 -2.86 3.24
CA TYR A 275 2.86 -3.86 2.31
C TYR A 275 2.69 -5.27 2.86
N MET A 276 2.38 -6.24 1.99
CA MET A 276 2.17 -7.62 2.42
C MET A 276 2.99 -8.59 1.58
N TYR A 277 3.49 -9.62 2.23
CA TYR A 277 4.36 -10.58 1.58
C TYR A 277 3.91 -11.98 1.95
N PHE A 278 4.09 -12.90 1.02
CA PHE A 278 3.90 -14.29 1.35
C PHE A 278 5.26 -14.96 1.17
N GLY A 279 5.61 -15.87 2.07
CA GLY A 279 6.91 -16.51 1.96
C GLY A 279 6.89 -17.96 2.36
N ILE A 280 7.96 -18.67 1.99
CA ILE A 280 8.13 -20.07 2.32
C ILE A 280 9.59 -20.38 2.71
N LYS A 281 9.81 -21.40 3.55
CA LYS A 281 11.14 -21.97 3.78
C LYS A 281 11.09 -23.46 3.46
N THR A 282 12.06 -23.94 2.69
CA THR A 282 12.08 -25.36 2.29
C THR A 282 12.76 -26.28 3.32
N LYS A 283 12.55 -27.59 3.17
CA LYS A 283 13.15 -28.59 4.04
C LYS A 283 14.63 -28.29 4.26
N ASP A 284 15.34 -28.00 3.17
CA ASP A 284 16.75 -27.62 3.24
C ASP A 284 16.97 -26.41 4.16
N GLY A 285 16.39 -25.28 3.77
CA GLY A 285 16.50 -24.06 4.56
C GLY A 285 16.45 -22.81 3.71
N LYS A 286 16.41 -23.00 2.39
CA LYS A 286 16.30 -21.88 1.44
C LYS A 286 14.90 -21.24 1.48
N THR A 287 14.84 -19.92 1.32
CA THR A 287 13.56 -19.23 1.40
C THR A 287 13.23 -18.33 0.19
N GLN A 288 11.93 -18.09 -0.01
CA GLN A 288 11.44 -17.18 -1.05
C GLN A 288 10.31 -16.32 -0.49
N GLU A 289 10.34 -15.03 -0.83
CA GLU A 289 9.23 -14.15 -0.46
C GLU A 289 8.73 -13.38 -1.70
N TRP A 290 7.43 -13.32 -1.85
CA TRP A 290 6.81 -12.55 -2.90
C TRP A 290 5.97 -11.46 -2.25
N GLU A 291 5.91 -10.31 -2.91
CA GLU A 291 4.97 -9.30 -2.46
C GLU A 291 3.59 -9.65 -2.98
N MET A 292 2.60 -9.72 -2.10
CA MET A 292 1.22 -9.90 -2.54
C MET A 292 0.68 -8.59 -3.05
N ASP A 293 0.61 -8.46 -4.38
CA ASP A 293 0.40 -7.17 -5.01
C ASP A 293 -0.31 -7.32 -6.35
N ASN A 294 -1.61 -7.08 -6.34
CA ASN A 294 -2.43 -7.11 -7.54
C ASN A 294 -2.50 -5.70 -8.12
N PRO A 295 -3.18 -5.53 -9.27
CA PRO A 295 -3.31 -4.23 -9.94
C PRO A 295 -3.89 -3.15 -9.06
N GLY A 296 -5.03 -3.42 -8.46
CA GLY A 296 -5.71 -2.45 -7.61
C GLY A 296 -5.33 -2.56 -6.13
N ASN A 297 -6.27 -2.17 -5.27
CA ASN A 297 -5.99 -2.12 -3.83
C ASN A 297 -6.09 -3.49 -3.19
N ASP A 298 -4.96 -3.98 -2.71
CA ASP A 298 -4.90 -5.25 -2.04
C ASP A 298 -5.41 -5.13 -0.61
N PHE A 299 -6.04 -6.19 -0.15
CA PHE A 299 -6.42 -6.38 1.26
C PHE A 299 -7.33 -5.31 1.80
N MET A 300 -8.41 -5.03 1.07
CA MET A 300 -9.43 -4.12 1.56
C MET A 300 -10.24 -4.86 2.61
N THR A 301 -10.95 -4.12 3.45
CA THR A 301 -11.81 -4.76 4.42
C THR A 301 -12.82 -5.64 3.70
N GLY A 302 -12.82 -6.93 4.03
CA GLY A 302 -13.86 -7.84 3.54
C GLY A 302 -13.69 -8.49 2.17
N SER A 303 -12.73 -8.01 1.38
CA SER A 303 -12.53 -8.60 0.06
C SER A 303 -11.81 -9.96 0.12
N LYS A 304 -12.02 -10.78 -0.91
CA LYS A 304 -11.34 -12.07 -1.07
C LYS A 304 -10.35 -12.07 -2.25
N ASP A 305 -9.05 -12.03 -1.94
CA ASP A 305 -8.01 -11.79 -2.95
C ASP A 305 -7.23 -13.05 -3.33
N THR A 306 -6.66 -13.04 -4.53
CA THR A 306 -5.96 -14.20 -5.06
C THR A 306 -4.54 -13.87 -5.50
N TYR A 307 -3.56 -14.51 -4.85
CA TYR A 307 -2.16 -14.28 -5.18
C TYR A 307 -1.49 -15.53 -5.72
N THR A 308 -0.91 -15.45 -6.90
CA THR A 308 -0.21 -16.62 -7.46
C THR A 308 1.31 -16.45 -7.43
N PHE A 309 2.03 -17.45 -6.93
CA PHE A 309 3.45 -17.33 -6.64
C PHE A 309 4.32 -18.28 -7.43
N LYS A 310 5.39 -17.76 -8.06
CA LYS A 310 6.26 -18.55 -8.94
C LYS A 310 7.57 -18.98 -8.29
N LEU A 311 7.63 -20.24 -7.85
CA LEU A 311 8.81 -20.75 -7.17
C LEU A 311 10.06 -20.69 -8.05
N LYS A 312 11.19 -20.35 -7.44
CA LYS A 312 12.48 -20.39 -8.13
C LYS A 312 13.03 -21.81 -8.27
N ASP A 313 12.67 -22.71 -7.34
CA ASP A 313 13.07 -24.11 -7.44
C ASP A 313 12.01 -24.90 -8.20
N GLU A 314 12.15 -24.96 -9.52
CA GLU A 314 11.18 -25.64 -10.35
C GLU A 314 10.93 -27.10 -9.89
N ASN A 315 11.99 -27.82 -9.55
CA ASN A 315 11.88 -29.22 -9.14
C ASN A 315 11.62 -29.40 -7.64
N LEU A 316 10.42 -29.01 -7.19
CA LEU A 316 10.09 -29.13 -5.79
C LEU A 316 8.77 -29.89 -5.57
N LYS A 317 8.72 -30.70 -4.52
CA LYS A 317 7.50 -31.41 -4.19
C LYS A 317 6.87 -30.87 -2.89
N ILE A 318 5.56 -31.06 -2.73
CA ILE A 318 4.80 -30.30 -1.75
C ILE A 318 5.29 -30.42 -0.31
N ASP A 319 5.71 -31.63 0.06
CA ASP A 319 6.15 -31.90 1.44
C ASP A 319 7.52 -31.28 1.70
N ASP A 320 8.25 -30.96 0.64
CA ASP A 320 9.54 -30.29 0.73
C ASP A 320 9.37 -28.85 1.17
N ILE A 321 8.17 -28.31 1.00
CA ILE A 321 7.87 -26.97 1.48
C ILE A 321 7.47 -27.04 2.95
N GLN A 322 8.47 -26.88 3.82
CA GLN A 322 8.29 -27.06 5.24
C GLN A 322 7.54 -25.89 5.88
N ASN A 323 7.66 -24.70 5.30
CA ASN A 323 7.07 -23.52 5.93
C ASN A 323 6.31 -22.57 5.01
N MET A 324 5.37 -21.83 5.60
CA MET A 324 4.59 -20.84 4.88
C MET A 324 4.09 -19.75 5.85
N TRP A 325 4.25 -18.50 5.42
CA TRP A 325 3.87 -17.36 6.24
C TRP A 325 3.50 -16.17 5.37
N ILE A 326 2.61 -15.33 5.86
CA ILE A 326 2.47 -14.01 5.31
C ILE A 326 3.18 -13.05 6.26
N ARG A 327 3.62 -11.90 5.75
CA ARG A 327 4.38 -10.93 6.55
C ARG A 327 4.01 -9.50 6.18
N LYS A 328 3.69 -8.68 7.18
CA LYS A 328 3.43 -7.25 6.95
C LYS A 328 4.70 -6.39 7.13
N ARG A 329 4.79 -5.30 6.35
CA ARG A 329 5.84 -4.30 6.50
C ARG A 329 5.10 -2.98 6.54
N LYS A 330 5.41 -2.15 7.53
CA LYS A 330 4.66 -0.92 7.73
C LYS A 330 4.87 0.08 6.59
N TYR A 331 3.77 0.56 6.02
CA TYR A 331 3.78 1.52 4.92
C TYR A 331 4.23 2.90 5.40
N THR A 332 3.61 3.37 6.48
CA THR A 332 3.98 4.64 7.09
C THR A 332 4.05 4.53 8.62
N ALA A 333 3.50 5.54 9.29
CA ALA A 333 3.35 5.52 10.75
C ALA A 333 1.87 5.41 11.03
N PHE A 334 1.09 5.38 9.96
CA PHE A 334 -0.34 5.14 10.00
C PHE A 334 -0.60 3.66 10.28
N PRO A 335 -1.33 3.36 11.36
CA PRO A 335 -1.55 1.98 11.82
C PRO A 335 -2.66 1.24 11.09
N ASP A 336 -2.39 0.78 9.88
CA ASP A 336 -3.28 -0.18 9.22
C ASP A 336 -2.95 -1.54 9.79
N ALA A 337 -3.61 -1.92 10.88
CA ALA A 337 -3.48 -3.29 11.34
C ALA A 337 -4.44 -4.13 10.51
N TYR A 338 -4.10 -5.41 10.34
CA TYR A 338 -4.79 -6.28 9.39
C TYR A 338 -5.38 -7.55 10.05
N LYS A 339 -6.63 -7.90 9.71
CA LYS A 339 -7.26 -9.14 10.19
C LYS A 339 -7.71 -10.11 9.09
N PRO A 340 -6.90 -11.15 8.82
CA PRO A 340 -7.32 -12.18 7.85
C PRO A 340 -8.38 -13.10 8.45
N GLU A 341 -9.51 -13.30 7.76
CA GLU A 341 -10.53 -14.22 8.25
C GLU A 341 -10.14 -15.69 8.02
N ASN A 342 -9.46 -15.95 6.91
CA ASN A 342 -9.03 -17.29 6.55
C ASN A 342 -8.10 -17.25 5.35
N ILE A 343 -7.19 -18.20 5.24
CA ILE A 343 -6.37 -18.27 4.05
C ILE A 343 -6.19 -19.70 3.55
N LYS A 344 -6.44 -19.90 2.27
CA LYS A 344 -6.23 -21.20 1.66
C LYS A 344 -5.02 -21.15 0.74
N ILE A 345 -4.16 -22.15 0.84
CA ILE A 345 -3.07 -22.32 -0.11
C ILE A 345 -3.38 -23.49 -1.04
N ILE A 346 -3.22 -23.28 -2.35
CA ILE A 346 -3.56 -24.29 -3.33
C ILE A 346 -2.33 -24.65 -4.10
N ALA A 347 -2.00 -25.94 -4.18
CA ALA A 347 -0.83 -26.38 -4.95
C ALA A 347 -1.20 -27.53 -5.86
N ASN A 348 -1.23 -27.27 -7.16
CA ASN A 348 -1.66 -28.25 -8.15
C ASN A 348 -3.10 -28.71 -7.99
N GLY A 349 -4.05 -27.79 -8.18
CA GLY A 349 -5.46 -28.12 -8.19
C GLY A 349 -6.04 -28.70 -6.90
N LYS A 350 -5.20 -28.86 -5.88
CA LYS A 350 -5.64 -29.36 -4.57
C LYS A 350 -5.34 -28.37 -3.48
N VAL A 351 -6.36 -27.95 -2.73
CA VAL A 351 -6.16 -27.17 -1.52
C VAL A 351 -5.25 -27.94 -0.59
N VAL A 352 -4.32 -27.26 0.09
CA VAL A 352 -3.28 -27.91 0.88
C VAL A 352 -3.05 -27.21 2.21
N VAL A 353 -3.84 -26.16 2.46
CA VAL A 353 -3.74 -25.37 3.68
C VAL A 353 -5.06 -24.65 3.82
N ASP A 354 -5.66 -24.67 5.00
CA ASP A 354 -6.95 -24.02 5.16
C ASP A 354 -6.98 -23.40 6.55
N LYS A 355 -5.93 -22.65 6.89
CA LYS A 355 -5.85 -22.02 8.20
C LYS A 355 -6.93 -20.94 8.36
N ASP A 356 -7.81 -21.13 9.32
CA ASP A 356 -8.63 -20.02 9.79
C ASP A 356 -7.68 -19.16 10.64
N ILE A 357 -7.93 -17.86 10.70
CA ILE A 357 -7.05 -16.98 11.48
C ILE A 357 -7.85 -16.08 12.42
N ASN A 358 -8.50 -15.07 11.87
CA ASN A 358 -9.29 -14.13 12.67
C ASN A 358 -8.53 -13.45 13.82
N GLU A 359 -7.20 -13.51 13.78
CA GLU A 359 -6.36 -12.74 14.69
C GLU A 359 -6.01 -11.41 14.03
N TRP A 360 -5.57 -10.43 14.81
CA TRP A 360 -5.05 -9.19 14.24
C TRP A 360 -3.55 -9.29 14.06
N ILE A 361 -3.07 -8.75 12.94
CA ILE A 361 -1.64 -8.60 12.70
C ILE A 361 -1.33 -7.12 12.58
N SER A 362 -0.53 -6.60 13.51
CA SER A 362 -0.08 -5.22 13.41
C SER A 362 1.44 -5.17 13.44
N GLY A 363 1.98 -4.02 13.02
CA GLY A 363 3.42 -3.87 13.00
C GLY A 363 4.04 -4.59 11.82
N ASN A 364 5.23 -5.15 12.03
CA ASN A 364 5.90 -5.90 10.99
C ASN A 364 5.88 -7.40 11.30
N SER A 365 4.86 -7.80 12.04
CA SER A 365 4.70 -9.19 12.47
C SER A 365 4.74 -10.15 11.28
N THR A 366 5.16 -11.38 11.54
CA THR A 366 5.26 -12.40 10.51
C THR A 366 4.47 -13.65 10.90
N TYR A 367 3.17 -13.64 10.61
CA TYR A 367 2.28 -14.77 10.90
C TYR A 367 2.63 -16.02 10.11
N ASN A 368 2.77 -17.15 10.80
CA ASN A 368 3.03 -18.43 10.13
C ASN A 368 1.73 -19.18 9.91
N ILE A 369 1.59 -19.80 8.73
CA ILE A 369 0.38 -20.58 8.40
C ILE A 369 0.70 -22.05 8.14
N LYS A 370 2.00 -22.36 8.07
CA LYS A 370 2.47 -23.74 8.00
C LYS A 370 3.90 -23.83 8.58
N TRP B 1 23.50 11.72 -4.44
CA TRP B 1 22.80 11.68 -3.16
C TRP B 1 22.90 10.30 -2.53
N ASP B 2 22.74 10.22 -1.21
CA ASP B 2 22.79 8.94 -0.51
C ASP B 2 21.52 8.20 -0.83
N GLY B 3 21.57 6.88 -0.76
CA GLY B 3 20.40 6.05 -0.96
C GLY B 3 20.64 4.67 -0.39
N LYS B 4 19.62 4.10 0.25
CA LYS B 4 19.70 2.75 0.80
C LYS B 4 18.85 1.81 -0.05
N ILE B 5 19.34 0.58 -0.28
CA ILE B 5 18.66 -0.42 -1.12
C ILE B 5 17.15 -0.63 -0.90
N ASP B 6 16.71 -0.52 0.36
CA ASP B 6 15.30 -0.71 0.69
C ASP B 6 14.45 0.47 0.22
N GLY B 7 15.04 1.35 -0.58
CA GLY B 7 14.31 2.46 -1.14
C GLY B 7 14.01 3.58 -0.16
N THR B 8 15.03 3.98 0.59
CA THR B 8 14.90 5.05 1.57
C THR B 8 16.08 5.97 1.43
N GLY B 9 15.98 7.14 2.05
CA GLY B 9 17.11 8.05 2.06
C GLY B 9 16.94 9.17 1.06
N THR B 10 17.98 9.98 0.90
CA THR B 10 17.85 11.19 0.13
C THR B 10 17.15 10.93 -1.20
N HIS B 11 17.60 9.88 -1.91
CA HIS B 11 17.10 9.61 -3.27
C HIS B 11 15.60 9.34 -3.30
N ALA B 12 15.15 8.58 -2.30
CA ALA B 12 13.74 8.23 -2.19
C ALA B 12 12.90 9.44 -1.77
N MET B 13 13.48 10.27 -0.91
CA MET B 13 12.78 11.48 -0.50
C MET B 13 12.51 12.37 -1.71
N ILE B 14 13.50 12.45 -2.60
CA ILE B 14 13.37 13.29 -3.78
C ILE B 14 12.22 12.85 -4.71
N VAL B 15 12.12 11.55 -4.99
CA VAL B 15 11.07 11.08 -5.89
C VAL B 15 9.75 11.22 -5.22
N THR B 16 9.74 10.89 -3.93
CA THR B 16 8.51 10.93 -3.15
C THR B 16 7.90 12.31 -3.16
N GLN B 17 8.76 13.33 -2.98
CA GLN B 17 8.34 14.73 -3.01
C GLN B 17 7.98 15.16 -4.42
N GLY B 18 8.77 14.71 -5.39
CA GLY B 18 8.52 15.01 -6.78
C GLY B 18 7.11 14.62 -7.18
N VAL B 19 6.60 13.53 -6.60
CA VAL B 19 5.23 13.12 -6.88
C VAL B 19 4.26 14.03 -6.15
N SER B 20 4.46 14.13 -4.84
CA SER B 20 3.62 14.96 -3.97
C SER B 20 3.51 16.40 -4.50
N ILE B 21 4.59 16.90 -5.09
CA ILE B 21 4.63 18.21 -5.75
C ILE B 21 3.73 18.27 -6.99
N LEU B 22 3.79 17.21 -7.80
CA LEU B 22 3.06 17.19 -9.06
C LEU B 22 1.56 17.22 -8.78
N GLU B 23 1.17 16.61 -7.66
CA GLU B 23 -0.20 16.68 -7.18
C GLU B 23 -0.60 18.13 -6.83
N ASN B 24 0.14 18.73 -5.92
CA ASN B 24 -0.14 20.09 -5.46
C ASN B 24 -0.08 21.15 -6.56
N ASP B 25 0.56 20.85 -7.68
CA ASP B 25 0.72 21.82 -8.77
C ASP B 25 -0.15 21.49 -9.97
N LEU B 26 -0.86 20.37 -9.89
CA LEU B 26 -1.60 19.85 -11.04
C LEU B 26 -2.77 20.76 -11.45
N SER B 27 -2.73 21.22 -12.70
CA SER B 27 -3.76 22.12 -13.24
C SER B 27 -5.14 21.47 -13.34
N LYS B 28 -6.15 22.30 -13.59
CA LYS B 28 -7.52 21.81 -13.73
C LYS B 28 -7.86 21.48 -15.20
N ASN B 29 -7.20 22.18 -16.12
CA ASN B 29 -7.34 21.89 -17.54
C ASN B 29 -6.45 20.70 -17.92
N GLU B 30 -6.39 19.70 -17.04
CA GLU B 30 -5.50 18.56 -17.20
C GLU B 30 -6.27 17.26 -17.50
N PRO B 31 -5.92 16.60 -18.62
CA PRO B 31 -6.58 15.41 -19.19
C PRO B 31 -6.96 14.32 -18.16
N GLU B 32 -8.01 13.55 -18.45
CA GLU B 32 -8.44 12.50 -17.54
C GLU B 32 -7.34 11.44 -17.44
N SER B 33 -6.76 11.10 -18.59
CA SER B 33 -5.75 10.05 -18.69
C SER B 33 -4.51 10.32 -17.83
N VAL B 34 -3.99 11.54 -17.90
CA VAL B 34 -2.87 11.96 -17.08
C VAL B 34 -3.16 11.84 -15.58
N ARG B 35 -4.34 12.28 -15.16
CA ARG B 35 -4.74 12.19 -13.77
C ARG B 35 -4.88 10.72 -13.36
N LYS B 36 -5.34 9.88 -14.29
CA LYS B 36 -5.50 8.45 -14.02
C LYS B 36 -4.15 7.75 -13.84
N ASN B 37 -3.25 8.00 -14.78
CA ASN B 37 -1.92 7.41 -14.74
C ASN B 37 -1.13 7.81 -13.49
N LEU B 38 -1.28 9.05 -13.05
CA LEU B 38 -0.60 9.49 -11.84
C LEU B 38 -1.13 8.70 -10.66
N GLU B 39 -2.37 8.22 -10.76
CA GLU B 39 -2.90 7.38 -9.70
C GLU B 39 -2.16 6.04 -9.71
N ILE B 40 -2.02 5.47 -10.91
CA ILE B 40 -1.27 4.24 -11.11
C ILE B 40 0.13 4.36 -10.49
N LEU B 41 0.81 5.45 -10.81
CA LEU B 41 2.13 5.72 -10.31
C LEU B 41 2.18 5.72 -8.78
N LYS B 42 1.21 6.40 -8.15
CA LYS B 42 1.14 6.43 -6.69
C LYS B 42 0.87 5.02 -6.15
N GLU B 43 0.11 4.24 -6.91
CA GLU B 43 -0.17 2.84 -6.54
C GLU B 43 1.13 2.04 -6.47
N ASN B 44 2.17 2.57 -7.10
CA ASN B 44 3.45 1.89 -7.19
C ASN B 44 4.58 2.75 -6.66
N MET B 45 4.27 3.50 -5.62
CA MET B 45 5.24 4.41 -5.06
C MET B 45 6.42 3.61 -4.50
N HIS B 46 6.14 2.41 -3.97
CA HIS B 46 7.18 1.58 -3.37
C HIS B 46 8.26 1.23 -4.40
N GLU B 47 7.81 0.93 -5.61
CA GLU B 47 8.72 0.63 -6.69
C GLU B 47 9.45 1.88 -7.24
N LEU B 48 8.78 3.02 -7.26
CA LEU B 48 9.42 4.28 -7.63
C LEU B 48 10.57 4.62 -6.68
N GLN B 49 10.38 4.34 -5.40
CA GLN B 49 11.37 4.62 -4.36
C GLN B 49 12.53 3.66 -4.44
N LEU B 50 12.20 2.42 -4.77
CA LEU B 50 13.20 1.36 -4.88
C LEU B 50 14.11 1.56 -6.09
N GLY B 51 13.51 2.00 -7.19
CA GLY B 51 14.29 2.30 -8.38
C GLY B 51 15.18 3.51 -8.16
N SER B 52 14.69 4.45 -7.35
CA SER B 52 15.37 5.71 -7.11
C SER B 52 16.70 5.53 -6.36
N THR B 53 16.78 4.47 -5.55
CA THR B 53 17.98 4.18 -4.76
C THR B 53 18.87 3.12 -5.38
N TYR B 54 18.24 2.21 -6.14
CA TYR B 54 18.89 0.99 -6.66
C TYR B 54 20.19 1.18 -7.46
N PRO B 55 20.22 2.13 -8.42
CA PRO B 55 21.42 2.25 -9.25
C PRO B 55 22.76 2.27 -8.49
N ASP B 56 22.72 2.57 -7.18
CA ASP B 56 23.90 2.63 -6.33
C ASP B 56 24.33 1.23 -5.92
N TYR B 57 23.48 0.26 -6.23
CA TYR B 57 23.67 -1.11 -5.78
C TYR B 57 23.64 -2.11 -6.93
N ASP B 58 23.65 -1.59 -8.16
CA ASP B 58 23.69 -2.43 -9.36
C ASP B 58 25.15 -2.78 -9.69
N LYS B 59 25.44 -4.08 -9.75
CA LYS B 59 26.75 -4.57 -10.19
C LYS B 59 26.83 -4.45 -11.71
N ASN B 60 27.71 -3.55 -12.17
CA ASN B 60 27.81 -3.18 -13.57
C ASN B 60 29.17 -3.48 -14.13
N ALA B 61 29.37 -3.06 -15.37
CA ALA B 61 30.69 -3.00 -15.95
C ALA B 61 31.28 -1.65 -15.60
N TYR B 62 30.51 -0.85 -14.86
CA TYR B 62 30.97 0.44 -14.36
C TYR B 62 31.44 0.26 -12.93
N ASP B 63 32.70 -0.17 -12.82
CA ASP B 63 33.31 -0.59 -11.57
C ASP B 63 33.23 0.51 -10.52
N LEU B 64 32.97 1.73 -10.96
CA LEU B 64 33.15 2.90 -10.09
C LEU B 64 32.03 3.94 -10.13
N TYR B 65 30.80 3.52 -10.40
CA TYR B 65 29.69 4.46 -10.50
C TYR B 65 29.97 5.52 -11.55
N GLN B 66 30.71 5.18 -12.58
CA GLN B 66 31.12 6.16 -13.57
C GLN B 66 29.92 6.78 -14.27
N ASP B 67 28.92 5.98 -14.55
CA ASP B 67 27.73 6.50 -15.22
C ASP B 67 26.90 7.50 -14.39
N HIS B 68 27.24 7.66 -13.11
CA HIS B 68 26.51 8.59 -12.23
C HIS B 68 27.05 10.03 -12.28
N PHE B 69 28.03 10.29 -13.14
CA PHE B 69 28.60 11.62 -13.24
C PHE B 69 28.30 12.23 -14.61
N TRP B 70 28.56 13.53 -14.76
CA TRP B 70 28.31 14.20 -16.03
C TRP B 70 28.75 15.67 -15.97
N ASP B 71 29.73 16.06 -16.81
CA ASP B 71 30.13 17.46 -16.94
C ASP B 71 29.24 18.10 -17.99
N PRO B 72 28.27 18.91 -17.56
CA PRO B 72 27.26 19.54 -18.43
C PRO B 72 27.90 20.52 -19.42
N ASP B 73 29.17 20.86 -19.17
CA ASP B 73 29.93 21.75 -20.02
C ASP B 73 30.56 21.04 -21.20
N ILE B 74 31.43 20.06 -20.93
CA ILE B 74 32.14 19.33 -21.99
C ILE B 74 31.22 19.18 -23.21
N ASP B 75 30.01 18.69 -22.95
CA ASP B 75 28.95 18.55 -23.94
C ASP B 75 28.61 19.89 -24.63
N ASP B 81 33.04 14.74 -31.32
CA ASP B 81 33.48 13.36 -31.20
C ASP B 81 34.52 12.95 -32.25
N ASN B 82 34.75 11.66 -32.40
CA ASN B 82 35.94 11.21 -33.14
C ASN B 82 35.93 9.78 -33.68
N SER B 83 36.90 9.49 -34.54
CA SER B 83 37.01 8.20 -35.22
C SER B 83 36.90 7.01 -34.28
N TRP B 84 37.43 7.16 -33.07
CA TRP B 84 37.55 6.07 -32.12
C TRP B 84 36.22 5.38 -31.82
N TYR B 85 35.16 6.16 -31.75
CA TYR B 85 33.88 5.67 -31.24
C TYR B 85 33.01 5.02 -32.29
N LEU B 86 33.55 4.93 -33.50
CA LEU B 86 32.88 4.20 -34.57
C LEU B 86 33.20 2.74 -34.40
N ALA B 87 34.20 2.45 -33.57
CA ALA B 87 34.67 1.09 -33.36
C ALA B 87 34.45 0.64 -31.92
N TYR B 88 34.10 1.59 -31.05
CA TYR B 88 33.98 1.33 -29.63
C TYR B 88 32.68 1.87 -29.05
N SER B 89 32.17 1.20 -28.01
CA SER B 89 30.97 1.65 -27.31
C SER B 89 31.27 2.92 -26.53
N ILE B 90 30.39 3.90 -26.60
CA ILE B 90 30.54 5.13 -25.85
C ILE B 90 30.12 4.92 -24.41
N PRO B 91 30.84 5.58 -23.47
CA PRO B 91 30.51 5.51 -22.05
C PRO B 91 29.26 6.29 -21.74
N ASP B 92 28.46 5.80 -20.79
CA ASP B 92 27.22 6.44 -20.42
C ASP B 92 27.46 7.49 -19.34
N THR B 93 26.51 8.39 -19.18
CA THR B 93 26.63 9.48 -18.21
C THR B 93 25.32 9.59 -17.45
N GLY B 94 25.30 10.44 -16.42
CA GLY B 94 24.06 10.62 -15.69
C GLY B 94 22.97 11.11 -16.63
N GLU B 95 23.35 11.93 -17.60
CA GLU B 95 22.39 12.40 -18.59
C GLU B 95 21.88 11.21 -19.44
N SER B 96 22.84 10.54 -20.08
CA SER B 96 22.60 9.37 -20.90
C SER B 96 21.63 8.38 -20.24
N GLN B 97 21.85 8.07 -18.97
CA GLN B 97 21.06 7.05 -18.28
C GLN B 97 19.60 7.47 -18.07
N ILE B 98 19.40 8.75 -17.76
CA ILE B 98 18.04 9.30 -17.68
C ILE B 98 17.29 8.95 -18.95
N ARG B 99 17.94 9.18 -20.09
CA ARG B 99 17.33 8.92 -21.39
C ARG B 99 17.02 7.44 -21.59
N LYS B 100 17.91 6.60 -21.07
CA LYS B 100 17.78 5.16 -21.23
C LYS B 100 16.67 4.59 -20.37
N PHE B 101 16.65 4.97 -19.10
CA PHE B 101 15.67 4.41 -18.17
C PHE B 101 14.29 4.95 -18.42
N SER B 102 14.25 6.17 -18.95
CA SER B 102 12.98 6.80 -19.34
C SER B 102 12.38 6.05 -20.55
N ALA B 103 13.25 5.66 -21.47
CA ALA B 103 12.85 4.80 -22.58
C ALA B 103 12.31 3.46 -22.09
N LEU B 104 12.98 2.86 -21.11
CA LEU B 104 12.53 1.58 -20.57
C LEU B 104 11.24 1.75 -19.79
N ALA B 105 11.16 2.82 -19.01
CA ALA B 105 9.97 3.14 -18.24
C ALA B 105 8.75 3.27 -19.13
N ARG B 106 8.91 4.01 -20.22
CA ARG B 106 7.85 4.21 -21.22
C ARG B 106 7.44 2.91 -21.89
N TYR B 107 8.45 2.12 -22.23
CA TYR B 107 8.24 0.85 -22.90
C TYR B 107 7.35 -0.05 -22.04
N GLU B 108 7.75 -0.27 -20.80
CA GLU B 108 7.01 -1.18 -19.93
C GLU B 108 5.58 -0.70 -19.72
N TRP B 109 5.42 0.61 -19.62
CA TRP B 109 4.13 1.21 -19.36
C TRP B 109 3.18 0.98 -20.52
N GLN B 110 3.64 1.30 -21.72
CA GLN B 110 2.81 1.19 -22.91
C GLN B 110 2.22 -0.21 -23.05
N ARG B 111 2.84 -1.20 -22.42
CA ARG B 111 2.40 -2.58 -22.58
C ARG B 111 1.88 -3.23 -21.29
N GLY B 112 1.78 -2.47 -20.21
CA GLY B 112 1.14 -3.01 -19.03
C GLY B 112 1.92 -3.10 -17.73
N ASN B 113 3.18 -3.52 -17.77
CA ASN B 113 3.91 -3.65 -16.51
C ASN B 113 4.16 -2.28 -15.85
N TYR B 114 3.19 -1.82 -15.06
CA TYR B 114 3.29 -0.54 -14.37
C TYR B 114 4.23 -0.59 -13.17
N LYS B 115 4.28 -1.75 -12.53
CA LYS B 115 5.16 -1.92 -11.38
C LYS B 115 6.61 -1.79 -11.86
N GLN B 116 6.99 -2.52 -12.88
CA GLN B 116 8.38 -2.41 -13.35
C GLN B 116 8.62 -1.13 -14.10
N ALA B 117 7.62 -0.67 -14.86
CA ALA B 117 7.72 0.64 -15.51
C ALA B 117 8.08 1.70 -14.49
N THR B 118 7.34 1.73 -13.39
CA THR B 118 7.62 2.64 -12.29
C THR B 118 9.02 2.45 -11.73
N PHE B 119 9.45 1.20 -11.59
CA PHE B 119 10.77 0.92 -11.08
C PHE B 119 11.80 1.58 -11.97
N TYR B 120 11.66 1.37 -13.27
CA TYR B 120 12.59 1.91 -14.25
C TYR B 120 12.63 3.44 -14.18
N LEU B 121 11.45 4.03 -14.14
CA LEU B 121 11.33 5.48 -13.99
C LEU B 121 12.02 6.01 -12.74
N GLY B 122 11.77 5.39 -11.59
CA GLY B 122 12.53 5.71 -10.40
C GLY B 122 14.02 5.65 -10.63
N GLU B 123 14.47 4.69 -11.43
CA GLU B 123 15.91 4.53 -11.73
C GLU B 123 16.44 5.71 -12.52
N ALA B 124 15.66 6.16 -13.51
CA ALA B 124 16.00 7.33 -14.31
C ALA B 124 16.20 8.52 -13.41
N MET B 125 15.30 8.66 -12.45
CA MET B 125 15.33 9.76 -11.50
C MET B 125 16.50 9.66 -10.54
N HIS B 126 17.07 8.46 -10.37
CA HIS B 126 18.26 8.35 -9.54
C HIS B 126 19.33 9.21 -10.15
N TYR B 127 19.52 9.01 -11.45
CA TYR B 127 20.51 9.73 -12.24
C TYR B 127 20.28 11.22 -12.33
N PHE B 128 19.04 11.64 -12.57
CA PHE B 128 18.78 13.07 -12.50
C PHE B 128 19.16 13.67 -11.13
N GLY B 129 18.66 13.08 -10.05
CA GLY B 129 19.04 13.51 -8.72
C GLY B 129 20.54 13.71 -8.59
N ASP B 130 21.31 12.83 -9.21
CA ASP B 130 22.76 12.87 -9.10
C ASP B 130 23.42 14.00 -9.88
N ILE B 131 22.84 14.37 -11.02
CA ILE B 131 23.43 15.46 -11.78
C ILE B 131 22.95 16.75 -11.16
N ASP B 132 22.01 16.65 -10.22
CA ASP B 132 21.58 17.81 -9.45
C ASP B 132 22.33 17.95 -8.14
N THR B 133 23.16 16.97 -7.79
CA THR B 133 24.09 17.14 -6.68
C THR B 133 25.13 18.18 -7.10
N PRO B 134 25.90 18.71 -6.14
CA PRO B 134 27.03 19.59 -6.47
C PRO B 134 28.23 18.82 -7.01
N TYR B 135 28.47 17.62 -6.49
CA TYR B 135 29.72 16.92 -6.79
C TYR B 135 29.72 16.14 -8.09
N HIS B 136 28.56 15.67 -8.50
CA HIS B 136 28.50 14.89 -9.74
C HIS B 136 28.65 15.74 -11.00
N PRO B 137 27.94 16.89 -11.12
CA PRO B 137 28.09 17.71 -12.32
C PRO B 137 29.49 18.30 -12.42
N ALA B 138 30.08 18.59 -11.27
CA ALA B 138 31.41 19.16 -11.25
C ALA B 138 32.46 18.06 -11.41
N ASN B 139 31.97 16.83 -11.49
CA ASN B 139 32.83 15.67 -11.72
C ASN B 139 33.91 15.49 -10.65
N VAL B 140 33.55 15.77 -9.41
CA VAL B 140 34.42 15.55 -8.26
C VAL B 140 34.05 14.25 -7.52
N THR B 141 34.84 13.21 -7.75
CA THR B 141 34.55 11.90 -7.19
C THR B 141 34.98 11.83 -5.74
N ALA B 142 34.57 10.77 -5.04
CA ALA B 142 34.94 10.59 -3.63
C ALA B 142 36.44 10.51 -3.44
N VAL B 143 37.14 10.13 -4.50
CA VAL B 143 38.60 10.19 -4.54
C VAL B 143 39.03 11.63 -4.77
N ASP B 144 38.51 12.24 -5.84
CA ASP B 144 38.80 13.63 -6.21
C ASP B 144 38.78 14.62 -5.01
N SER B 145 37.90 14.37 -4.03
CA SER B 145 37.77 15.22 -2.85
C SER B 145 37.00 14.51 -1.72
N ALA B 146 37.33 14.84 -0.47
CA ALA B 146 36.72 14.18 0.67
C ALA B 146 35.33 14.75 0.95
N GLY B 147 34.99 15.81 0.23
CA GLY B 147 33.73 16.50 0.44
C GLY B 147 32.54 15.76 -0.13
N HIS B 148 32.79 15.01 -1.20
CA HIS B 148 31.75 14.26 -1.89
C HIS B 148 30.92 13.49 -0.89
N VAL B 149 31.61 12.68 -0.09
CA VAL B 149 30.95 11.76 0.84
C VAL B 149 30.45 12.46 2.09
N LYS B 150 31.28 13.36 2.62
CA LYS B 150 30.95 14.13 3.82
C LYS B 150 29.71 15.00 3.60
N PHE B 151 29.57 15.54 2.39
CA PHE B 151 28.41 16.36 2.03
C PHE B 151 27.11 15.56 1.78
N GLU B 152 27.18 14.57 0.90
CA GLU B 152 26.01 13.75 0.58
C GLU B 152 25.41 13.18 1.83
N THR B 153 26.28 13.03 2.83
CA THR B 153 25.93 12.51 4.16
C THR B 153 25.32 13.56 5.08
N PHE B 154 25.98 14.71 5.14
CA PHE B 154 25.45 15.90 5.79
C PHE B 154 24.01 16.13 5.33
N ALA B 155 23.80 16.07 4.03
CA ALA B 155 22.49 16.26 3.43
C ALA B 155 21.56 15.07 3.67
N GLU B 156 22.14 13.89 3.91
CA GLU B 156 21.33 12.74 4.27
C GLU B 156 20.61 12.96 5.60
N GLU B 157 21.40 13.29 6.62
CA GLU B 157 20.91 13.49 8.00
C GLU B 157 19.99 14.69 8.14
N ARG B 158 19.88 15.47 7.06
CA ARG B 158 19.08 16.67 7.02
C ARG B 158 17.97 16.69 5.96
N LYS B 159 17.90 15.63 5.16
CA LYS B 159 17.01 15.60 3.99
C LYS B 159 15.60 16.10 4.28
N GLU B 160 15.07 15.75 5.44
CA GLU B 160 13.71 16.14 5.81
C GLU B 160 13.48 17.65 5.76
N GLN B 161 14.40 18.41 6.36
CA GLN B 161 14.23 19.85 6.49
C GLN B 161 14.44 20.61 5.19
N TYR B 162 14.64 19.89 4.09
CA TYR B 162 14.81 20.52 2.78
C TYR B 162 13.71 20.16 1.80
N LYS B 163 12.64 19.55 2.29
CA LYS B 163 11.52 19.16 1.45
C LYS B 163 10.81 20.39 0.86
N ILE B 164 10.14 20.21 -0.27
CA ILE B 164 9.34 21.28 -0.88
C ILE B 164 8.00 20.77 -1.47
N ASN B 165 6.95 21.55 -1.28
CA ASN B 165 5.62 21.09 -1.65
C ASN B 165 5.26 21.40 -3.10
N THR B 166 5.94 22.38 -3.68
CA THR B 166 5.56 22.85 -5.02
C THR B 166 6.76 23.29 -5.83
N ALA B 167 6.63 23.20 -7.15
CA ALA B 167 7.61 23.77 -8.07
C ALA B 167 7.58 25.30 -8.09
N GLY B 168 6.42 25.87 -7.70
CA GLY B 168 6.24 27.31 -7.69
C GLY B 168 5.22 27.77 -8.72
N CYS B 169 5.13 27.02 -9.82
CA CYS B 169 4.16 27.28 -10.88
C CYS B 169 2.97 26.34 -10.75
N LYS B 170 2.11 26.31 -11.77
CA LYS B 170 1.02 25.35 -11.86
C LYS B 170 1.19 24.67 -13.21
N THR B 171 0.48 23.58 -13.44
CA THR B 171 0.68 22.85 -14.70
C THR B 171 0.42 23.71 -15.92
N ASN B 172 -0.38 24.77 -15.74
CA ASN B 172 -0.67 25.71 -16.82
C ASN B 172 0.43 26.75 -16.95
N GLU B 173 1.14 27.02 -15.85
CA GLU B 173 2.17 28.06 -15.84
C GLU B 173 3.43 27.66 -16.61
N ALA B 174 4.50 28.45 -16.48
CA ALA B 174 5.66 28.38 -17.38
C ALA B 174 6.47 27.09 -17.30
N PHE B 175 7.07 26.86 -16.13
CA PHE B 175 7.94 25.71 -15.90
C PHE B 175 7.43 24.39 -16.48
N TYR B 176 6.13 24.11 -16.29
CA TYR B 176 5.53 22.84 -16.65
C TYR B 176 5.08 22.73 -18.11
N THR B 177 5.07 23.83 -18.84
CA THR B 177 4.53 23.78 -20.19
C THR B 177 5.63 23.72 -21.25
N ASP B 178 6.82 24.17 -20.87
CA ASP B 178 7.99 24.04 -21.72
C ASP B 178 8.36 22.57 -21.79
N ILE B 179 8.14 21.89 -20.67
CA ILE B 179 8.45 20.48 -20.55
C ILE B 179 7.74 19.69 -21.64
N LEU B 180 6.50 20.08 -21.92
CA LEU B 180 5.72 19.40 -22.94
C LEU B 180 5.97 19.97 -24.33
N LYS B 181 6.45 21.22 -24.41
CA LYS B 181 6.65 21.92 -25.68
C LYS B 181 7.41 21.09 -26.72
N ASN B 182 8.53 20.47 -26.32
CA ASN B 182 9.37 19.72 -27.25
C ASN B 182 8.94 18.25 -27.47
N LYS B 183 8.64 17.89 -28.72
CA LYS B 183 8.14 16.56 -29.03
C LYS B 183 9.24 15.47 -28.97
N ASP B 184 10.50 15.89 -29.07
CA ASP B 184 11.63 14.97 -28.92
C ASP B 184 12.09 14.89 -27.46
N PHE B 185 11.85 13.74 -26.83
CA PHE B 185 12.15 13.60 -25.42
C PHE B 185 13.63 13.75 -25.19
N ASN B 186 14.41 12.96 -25.92
CA ASN B 186 15.86 12.92 -25.74
C ASN B 186 16.49 14.31 -25.91
N ALA B 187 15.93 15.10 -26.82
CA ALA B 187 16.42 16.46 -27.06
C ALA B 187 16.13 17.38 -25.88
N TRP B 188 14.88 17.35 -25.41
CA TRP B 188 14.42 18.12 -24.25
C TRP B 188 15.12 17.72 -22.98
N SER B 189 15.23 16.41 -22.77
CA SER B 189 15.81 15.84 -21.57
C SER B 189 17.23 16.32 -21.35
N LYS B 190 18.06 16.23 -22.39
CA LYS B 190 19.46 16.63 -22.30
C LYS B 190 19.58 18.06 -21.82
N GLU B 191 18.77 18.95 -22.36
CA GLU B 191 18.90 20.37 -22.07
C GLU B 191 18.24 20.77 -20.76
N TYR B 192 17.05 20.24 -20.53
CA TYR B 192 16.40 20.32 -19.23
C TYR B 192 17.40 19.93 -18.16
N ALA B 193 17.96 18.74 -18.30
CA ALA B 193 18.90 18.22 -17.33
C ALA B 193 20.16 19.07 -17.24
N ARG B 194 20.63 19.56 -18.38
CA ARG B 194 21.83 20.39 -18.40
C ARG B 194 21.67 21.63 -17.54
N GLY B 195 20.47 22.17 -17.52
CA GLY B 195 20.21 23.40 -16.81
C GLY B 195 20.45 23.17 -15.35
N PHE B 196 19.77 22.14 -14.84
CA PHE B 196 19.84 21.76 -13.43
C PHE B 196 21.25 21.37 -13.00
N ALA B 197 21.90 20.61 -13.88
CA ALA B 197 23.26 20.12 -13.65
C ALA B 197 24.25 21.28 -13.65
N LYS B 198 24.00 22.26 -14.51
CA LYS B 198 24.83 23.45 -14.61
C LYS B 198 24.77 24.22 -13.30
N THR B 199 23.57 24.30 -12.73
CA THR B 199 23.39 24.91 -11.41
C THR B 199 24.16 24.13 -10.34
N GLY B 200 24.29 22.83 -10.53
CA GLY B 200 25.08 22.01 -9.62
C GLY B 200 26.54 22.41 -9.61
N LYS B 201 27.19 22.35 -10.77
CA LYS B 201 28.62 22.66 -10.84
C LYS B 201 28.84 24.01 -10.17
N SER B 202 27.91 24.94 -10.39
CA SER B 202 28.03 26.30 -9.84
C SER B 202 28.05 26.34 -8.33
N ILE B 203 27.14 25.59 -7.73
CA ILE B 203 27.01 25.55 -6.27
C ILE B 203 28.17 24.80 -5.63
N TYR B 204 28.81 23.88 -6.36
CA TYR B 204 30.01 23.24 -5.86
C TYR B 204 31.07 24.30 -5.60
N TYR B 205 31.41 25.02 -6.66
CA TYR B 205 32.50 25.97 -6.58
C TYR B 205 32.26 27.12 -5.62
N SER B 206 30.99 27.49 -5.40
CA SER B 206 30.66 28.66 -4.61
C SER B 206 30.25 28.32 -3.17
N HIS B 207 29.49 27.25 -2.99
CA HIS B 207 29.01 26.96 -1.65
C HIS B 207 29.36 25.58 -1.10
N ALA B 208 29.48 24.57 -1.94
CA ALA B 208 29.55 23.19 -1.42
C ALA B 208 30.90 22.47 -1.51
N SER B 209 31.92 23.13 -2.04
CA SER B 209 33.28 22.58 -2.06
C SER B 209 33.80 22.34 -0.64
N MET B 210 34.95 21.68 -0.51
CA MET B 210 35.59 21.45 0.79
C MET B 210 36.10 22.73 1.46
N SER B 211 36.41 23.72 0.64
CA SER B 211 36.79 25.06 1.10
C SER B 211 35.56 25.81 1.63
N HIS B 212 34.76 26.32 0.69
CA HIS B 212 33.51 27.02 0.98
C HIS B 212 32.87 26.41 2.30
N SER B 213 32.17 27.23 3.10
CA SER B 213 31.98 26.93 4.56
C SER B 213 30.91 25.90 5.00
N TRP B 214 30.58 25.86 6.29
CA TRP B 214 29.53 24.95 6.81
C TRP B 214 28.09 25.47 6.84
N ASP B 215 27.93 26.78 7.09
CA ASP B 215 26.64 27.41 6.86
C ASP B 215 26.54 27.63 5.34
N ASP B 216 27.66 27.48 4.65
CA ASP B 216 27.70 27.44 3.18
C ASP B 216 27.11 26.14 2.65
N TRP B 217 27.42 25.03 3.32
CA TRP B 217 26.84 23.74 2.97
C TRP B 217 25.32 23.67 3.18
N ASP B 218 24.81 24.23 4.30
CA ASP B 218 23.36 24.23 4.54
C ASP B 218 22.62 24.91 3.38
N TYR B 219 23.13 26.06 2.92
CA TYR B 219 22.54 26.74 1.78
C TYR B 219 22.68 25.88 0.52
N ALA B 220 23.85 25.28 0.37
CA ALA B 220 24.16 24.40 -0.78
C ALA B 220 23.14 23.28 -0.94
N ALA B 221 22.91 22.55 0.15
CA ALA B 221 21.95 21.45 0.13
C ALA B 221 20.51 21.92 -0.13
N LYS B 222 20.13 23.05 0.47
CA LYS B 222 18.78 23.58 0.33
C LYS B 222 18.45 23.69 -1.14
N VAL B 223 19.35 24.35 -1.86
CA VAL B 223 19.16 24.66 -3.26
C VAL B 223 19.07 23.40 -4.08
N THR B 224 20.11 22.59 -3.96
CA THR B 224 20.26 21.43 -4.85
C THR B 224 19.22 20.33 -4.59
N LEU B 225 18.78 20.20 -3.35
CA LEU B 225 17.74 19.24 -3.01
C LEU B 225 16.38 19.75 -3.45
N ALA B 226 16.22 21.06 -3.39
CA ALA B 226 14.97 21.68 -3.83
C ALA B 226 14.90 21.55 -5.32
N ASN B 227 16.02 21.81 -5.98
CA ASN B 227 16.15 21.67 -7.42
C ASN B 227 15.83 20.26 -7.88
N SER B 228 16.38 19.29 -7.14
CA SER B 228 16.20 17.89 -7.43
C SER B 228 14.74 17.55 -7.34
N GLN B 229 14.04 18.22 -6.44
CA GLN B 229 12.62 18.00 -6.34
C GLN B 229 11.85 18.67 -7.50
N LYS B 230 12.01 19.98 -7.69
CA LYS B 230 11.32 20.68 -8.79
C LYS B 230 11.63 20.01 -10.12
N GLY B 231 12.85 19.51 -10.25
CA GLY B 231 13.30 18.91 -11.49
C GLY B 231 12.70 17.54 -11.68
N THR B 232 12.72 16.73 -10.61
CA THR B 232 12.17 15.39 -10.66
C THR B 232 10.69 15.43 -11.00
N ALA B 233 9.97 16.39 -10.41
CA ALA B 233 8.56 16.59 -10.68
C ALA B 233 8.34 16.86 -12.19
N GLY B 234 9.21 17.69 -12.76
CA GLY B 234 9.16 18.01 -14.17
C GLY B 234 9.20 16.74 -15.00
N TYR B 235 10.24 15.95 -14.77
CA TYR B 235 10.39 14.69 -15.46
C TYR B 235 9.14 13.76 -15.33
N ILE B 236 8.69 13.54 -14.10
CA ILE B 236 7.51 12.72 -13.89
C ILE B 236 6.37 13.26 -14.74
N TYR B 237 6.11 14.56 -14.60
CA TYR B 237 5.07 15.23 -15.39
C TYR B 237 5.22 14.87 -16.88
N ARG B 238 6.39 15.16 -17.42
CA ARG B 238 6.70 14.80 -18.79
C ARG B 238 6.33 13.35 -19.04
N PHE B 239 6.77 12.49 -18.12
CA PHE B 239 6.49 11.07 -18.25
C PHE B 239 4.99 10.80 -18.36
N LEU B 240 4.22 11.33 -17.42
CA LEU B 240 2.78 11.10 -17.37
C LEU B 240 2.07 11.46 -18.67
N HIS B 241 2.53 12.54 -19.29
CA HIS B 241 1.99 12.95 -20.58
C HIS B 241 2.41 11.97 -21.68
N ASP B 242 3.70 11.65 -21.72
CA ASP B 242 4.24 10.82 -22.78
C ASP B 242 3.57 9.45 -22.91
N VAL B 243 3.05 8.91 -21.82
CA VAL B 243 2.52 7.56 -21.85
C VAL B 243 1.00 7.53 -21.90
N SER B 244 0.39 8.69 -22.15
CA SER B 244 -1.07 8.80 -22.23
C SER B 244 -1.53 9.02 -23.65
N GLU B 245 -0.62 9.50 -24.49
CA GLU B 245 -0.93 9.72 -25.89
C GLU B 245 -0.18 8.71 -26.77
N GLY B 246 0.62 7.86 -26.14
CA GLY B 246 1.51 6.95 -26.85
C GLY B 246 2.37 7.78 -27.78
N ASN B 247 2.39 9.08 -27.50
CA ASN B 247 2.95 10.11 -28.38
C ASN B 247 3.02 9.77 -29.88
N ASP B 248 3.92 10.46 -30.56
CA ASP B 248 4.37 10.07 -31.89
C ASP B 248 5.80 9.59 -31.72
N PRO B 249 6.02 8.28 -31.93
CA PRO B 249 7.33 7.72 -31.64
C PRO B 249 8.45 8.42 -32.42
N SER B 250 9.65 7.85 -32.37
CA SER B 250 10.78 8.40 -33.10
C SER B 250 10.51 8.34 -34.60
N VAL B 251 9.78 7.30 -35.02
CA VAL B 251 9.40 7.13 -36.42
C VAL B 251 9.46 8.44 -37.18
N GLY B 252 10.50 8.59 -37.97
CA GLY B 252 10.73 9.81 -38.71
C GLY B 252 12.11 10.40 -38.51
N LYS B 253 12.71 10.24 -37.33
CA LYS B 253 14.00 10.88 -37.06
C LYS B 253 15.20 10.00 -37.49
N ASN B 254 16.38 10.62 -37.48
CA ASN B 254 17.58 9.89 -37.83
C ASN B 254 18.10 9.07 -36.65
N VAL B 255 18.38 7.79 -36.90
CA VAL B 255 19.15 6.99 -35.94
C VAL B 255 20.67 7.31 -35.96
N LYS B 256 21.13 8.13 -35.00
CA LYS B 256 22.54 8.47 -34.94
C LYS B 256 23.30 7.62 -33.87
N GLU B 257 22.55 7.11 -32.89
CA GLU B 257 23.08 6.27 -31.81
C GLU B 257 22.19 5.06 -31.62
N LEU B 258 22.75 3.96 -31.12
CA LEU B 258 21.93 2.85 -30.62
C LEU B 258 22.29 2.51 -29.18
N VAL B 259 21.30 2.24 -28.35
CA VAL B 259 21.58 1.82 -26.99
C VAL B 259 21.22 0.35 -26.79
N ALA B 260 22.19 -0.44 -26.32
CA ALA B 260 21.88 -1.84 -26.04
C ALA B 260 21.89 -2.05 -24.54
N TYR B 261 20.80 -2.61 -24.03
CA TYR B 261 20.73 -2.86 -22.62
C TYR B 261 20.72 -4.35 -22.48
N ILE B 262 21.88 -4.93 -22.14
CA ILE B 262 22.03 -6.39 -22.08
C ILE B 262 21.97 -7.01 -20.69
N SER B 263 20.94 -7.81 -20.45
CA SER B 263 20.80 -8.54 -19.18
C SER B 263 21.43 -9.92 -19.32
N THR B 264 22.42 -10.21 -18.47
CA THR B 264 23.16 -11.47 -18.52
C THR B 264 22.54 -12.43 -17.52
N SER B 265 22.59 -13.73 -17.83
CA SER B 265 21.90 -14.75 -17.02
C SER B 265 22.48 -14.83 -15.61
N GLY B 266 21.70 -15.34 -14.67
CA GLY B 266 22.14 -15.49 -13.30
C GLY B 266 22.80 -16.83 -12.97
N GLU B 267 22.56 -17.82 -13.84
CA GLU B 267 23.13 -19.16 -13.70
C GLU B 267 24.67 -19.11 -13.69
N LYS B 268 25.31 -20.03 -12.98
CA LYS B 268 26.77 -20.01 -12.86
C LYS B 268 27.46 -19.95 -14.20
N ASP B 269 28.64 -19.34 -14.22
CA ASP B 269 29.48 -19.25 -15.43
C ASP B 269 28.71 -18.80 -16.68
N ALA B 270 27.70 -17.97 -16.47
CA ALA B 270 26.92 -17.41 -17.57
C ALA B 270 27.64 -16.19 -18.17
N GLY B 271 28.53 -15.60 -17.37
CA GLY B 271 29.26 -14.42 -17.82
C GLY B 271 30.47 -14.82 -18.63
N THR B 272 31.10 -13.86 -19.30
CA THR B 272 32.29 -14.14 -20.12
C THR B 272 33.39 -13.10 -19.95
N ASP B 273 34.63 -13.56 -19.89
CA ASP B 273 35.77 -12.66 -19.90
C ASP B 273 36.29 -12.58 -21.33
N ASP B 274 35.52 -13.14 -22.27
CA ASP B 274 35.84 -13.10 -23.72
C ASP B 274 35.42 -11.78 -24.35
N TYR B 275 35.98 -11.44 -25.51
CA TYR B 275 35.63 -10.17 -26.17
C TYR B 275 34.22 -10.23 -26.75
N MET B 276 33.48 -9.11 -26.69
CA MET B 276 32.12 -9.05 -27.23
C MET B 276 31.90 -7.85 -28.13
N TYR B 277 31.09 -8.04 -29.16
CA TYR B 277 30.92 -7.02 -30.18
C TYR B 277 29.46 -6.96 -30.52
N PHE B 278 29.02 -5.78 -30.89
CA PHE B 278 27.67 -5.66 -31.36
C PHE B 278 27.83 -5.10 -32.76
N GLY B 279 27.02 -5.59 -33.69
CA GLY B 279 27.11 -5.13 -35.06
C GLY B 279 25.79 -5.03 -35.78
N ILE B 280 25.80 -4.30 -36.90
CA ILE B 280 24.62 -4.14 -37.74
C ILE B 280 24.98 -4.22 -39.23
N LYS B 281 24.02 -4.65 -40.07
CA LYS B 281 24.15 -4.53 -41.52
C LYS B 281 22.97 -3.73 -42.04
N THR B 282 23.23 -2.75 -42.90
CA THR B 282 22.16 -1.87 -43.42
C THR B 282 21.46 -2.44 -44.66
N LYS B 283 20.32 -1.85 -45.02
CA LYS B 283 19.54 -2.26 -46.19
C LYS B 283 20.47 -2.43 -47.40
N ASP B 284 21.33 -1.44 -47.62
CA ASP B 284 22.32 -1.49 -48.68
C ASP B 284 23.18 -2.74 -48.58
N GLY B 285 23.96 -2.82 -47.51
CA GLY B 285 24.81 -3.97 -47.28
C GLY B 285 26.04 -3.62 -46.47
N LYS B 286 26.19 -2.33 -46.15
CA LYS B 286 27.32 -1.82 -45.35
C LYS B 286 27.17 -2.21 -43.88
N THR B 287 28.28 -2.53 -43.22
CA THR B 287 28.22 -3.00 -41.83
C THR B 287 29.14 -2.23 -40.86
N GLN B 288 28.74 -2.24 -39.59
CA GLN B 288 29.50 -1.63 -38.50
C GLN B 288 29.54 -2.56 -37.27
N GLU B 289 30.71 -2.64 -36.64
CA GLU B 289 30.82 -3.41 -35.42
C GLU B 289 31.55 -2.57 -34.38
N TRP B 290 31.00 -2.60 -33.16
CA TRP B 290 31.61 -1.96 -32.02
C TRP B 290 31.93 -3.03 -31.00
N GLU B 291 33.03 -2.84 -30.28
CA GLU B 291 33.30 -3.68 -29.12
C GLU B 291 32.46 -3.19 -27.95
N MET B 292 31.73 -4.09 -27.31
CA MET B 292 30.97 -3.75 -26.12
C MET B 292 31.91 -3.80 -24.94
N ASP B 293 32.30 -2.62 -24.46
CA ASP B 293 33.48 -2.50 -23.61
C ASP B 293 33.36 -1.26 -22.75
N ASN B 294 32.91 -1.48 -21.51
CA ASN B 294 32.82 -0.43 -20.51
C ASN B 294 34.12 -0.38 -19.72
N PRO B 295 34.25 0.56 -18.76
CA PRO B 295 35.46 0.73 -17.92
C PRO B 295 35.87 -0.52 -17.17
N GLY B 296 34.93 -1.13 -16.47
CA GLY B 296 35.19 -2.34 -15.71
C GLY B 296 34.88 -3.64 -16.41
N ASN B 297 34.57 -4.67 -15.65
CA ASN B 297 34.38 -5.98 -16.23
C ASN B 297 33.01 -6.11 -16.90
N ASP B 298 33.04 -6.26 -18.21
CA ASP B 298 31.82 -6.46 -18.96
C ASP B 298 31.32 -7.91 -18.83
N PHE B 299 30.00 -8.04 -18.85
CA PHE B 299 29.32 -9.33 -18.97
C PHE B 299 29.66 -10.30 -17.85
N MET B 300 29.56 -9.82 -16.63
CA MET B 300 29.68 -10.69 -15.47
C MET B 300 28.38 -11.49 -15.32
N THR B 301 28.44 -12.62 -14.61
CA THR B 301 27.24 -13.40 -14.39
C THR B 301 26.20 -12.49 -13.72
N GLY B 302 25.03 -12.37 -14.35
CA GLY B 302 23.88 -11.74 -13.73
C GLY B 302 23.78 -10.23 -13.84
N SER B 303 24.83 -9.57 -14.27
CA SER B 303 24.77 -8.11 -14.36
C SER B 303 23.97 -7.61 -15.56
N LYS B 304 23.45 -6.39 -15.45
CA LYS B 304 22.76 -5.73 -16.56
C LYS B 304 23.56 -4.52 -17.08
N ASP B 305 24.15 -4.68 -18.26
CA ASP B 305 25.07 -3.70 -18.82
C ASP B 305 24.48 -2.86 -19.95
N THR B 306 25.05 -1.66 -20.14
CA THR B 306 24.56 -0.69 -21.12
C THR B 306 25.66 -0.26 -22.09
N TYR B 307 25.46 -0.56 -23.36
CA TYR B 307 26.40 -0.16 -24.41
C TYR B 307 25.78 0.83 -25.39
N THR B 308 26.45 1.96 -25.60
CA THR B 308 25.93 2.97 -26.53
C THR B 308 26.80 3.05 -27.78
N PHE B 309 26.15 3.00 -28.94
CA PHE B 309 26.85 2.82 -30.23
C PHE B 309 26.71 4.04 -31.19
N LYS B 310 27.85 4.55 -31.68
CA LYS B 310 27.83 5.72 -32.59
C LYS B 310 27.95 5.35 -34.08
N LEU B 311 26.83 5.40 -34.78
CA LEU B 311 26.78 5.06 -36.20
C LEU B 311 27.64 5.98 -37.04
N LYS B 312 28.35 5.41 -38.03
CA LYS B 312 29.13 6.18 -39.00
C LYS B 312 28.24 6.85 -40.05
N ASP B 313 27.08 6.24 -40.36
CA ASP B 313 26.12 6.86 -41.26
C ASP B 313 25.13 7.75 -40.50
N GLU B 314 25.49 9.02 -40.35
CA GLU B 314 24.67 9.94 -39.56
C GLU B 314 23.23 9.97 -40.08
N ASN B 315 23.04 10.01 -41.40
CA ASN B 315 21.70 10.10 -41.99
C ASN B 315 21.04 8.76 -42.22
N LEU B 316 20.66 8.07 -41.15
CA LEU B 316 20.05 6.76 -41.28
C LEU B 316 18.73 6.66 -40.52
N LYS B 317 17.78 5.93 -41.09
CA LYS B 317 16.47 5.77 -40.45
C LYS B 317 16.29 4.31 -39.98
N ILE B 318 15.47 4.10 -38.95
CA ILE B 318 15.50 2.85 -38.20
C ILE B 318 15.30 1.60 -39.04
N ASP B 319 14.40 1.68 -40.00
CA ASP B 319 14.05 0.54 -40.83
C ASP B 319 15.17 0.22 -41.79
N ASP B 320 16.05 1.20 -42.01
CA ASP B 320 17.19 1.02 -42.89
C ASP B 320 18.21 0.11 -42.23
N ILE B 321 18.09 -0.04 -40.93
CA ILE B 321 18.95 -1.00 -40.23
C ILE B 321 18.35 -2.40 -40.29
N GLN B 322 18.73 -3.13 -41.33
CA GLN B 322 18.12 -4.44 -41.58
C GLN B 322 18.60 -5.52 -40.61
N ASN B 323 19.78 -5.36 -40.05
CA ASN B 323 20.33 -6.42 -39.20
C ASN B 323 20.98 -5.97 -37.89
N MET B 324 20.98 -6.86 -36.91
CA MET B 324 21.64 -6.62 -35.62
C MET B 324 22.08 -7.93 -35.00
N TRP B 325 23.31 -7.94 -34.47
CA TRP B 325 23.87 -9.14 -33.87
C TRP B 325 24.92 -8.78 -32.83
N ILE B 326 25.06 -9.65 -31.84
CA ILE B 326 26.23 -9.59 -30.98
C ILE B 326 27.10 -10.76 -31.41
N ARG B 327 28.41 -10.62 -31.17
CA ARG B 327 29.39 -11.60 -31.62
C ARG B 327 30.51 -11.76 -30.58
N LYS B 328 30.81 -13.01 -30.23
CA LYS B 328 31.93 -13.28 -29.33
C LYS B 328 33.22 -13.61 -30.10
N ARG B 329 34.35 -13.24 -29.49
CA ARG B 329 35.68 -13.58 -29.99
C ARG B 329 36.45 -14.17 -28.81
N LYS B 330 36.97 -15.38 -28.98
CA LYS B 330 37.57 -16.07 -27.87
C LYS B 330 38.78 -15.28 -27.35
N TYR B 331 38.78 -14.97 -26.06
CA TYR B 331 39.92 -14.35 -25.36
C TYR B 331 41.20 -15.27 -25.25
N THR B 332 41.02 -16.48 -24.77
CA THR B 332 42.10 -17.46 -24.74
C THR B 332 41.65 -18.85 -25.22
N ALA B 333 42.09 -19.87 -24.49
CA ALA B 333 41.64 -21.23 -24.72
C ALA B 333 40.74 -21.60 -23.56
N PHE B 334 40.60 -20.66 -22.63
CA PHE B 334 39.70 -20.80 -21.52
C PHE B 334 38.25 -20.58 -22.00
N PRO B 335 37.36 -21.56 -21.76
CA PRO B 335 35.98 -21.55 -22.27
C PRO B 335 35.02 -20.72 -21.42
N ASP B 336 35.06 -19.41 -21.57
CA ASP B 336 33.99 -18.57 -21.05
C ASP B 336 32.88 -18.59 -22.08
N ALA B 337 31.95 -19.53 -21.94
CA ALA B 337 30.76 -19.48 -22.76
C ALA B 337 29.81 -18.50 -22.08
N TYR B 338 28.95 -17.87 -22.88
CA TYR B 338 28.14 -16.77 -22.40
C TYR B 338 26.64 -17.02 -22.61
N LYS B 339 25.82 -16.72 -21.60
CA LYS B 339 24.37 -16.82 -21.71
C LYS B 339 23.63 -15.48 -21.44
N PRO B 340 23.19 -14.80 -22.51
CA PRO B 340 22.37 -13.61 -22.31
C PRO B 340 20.94 -13.99 -21.91
N GLU B 341 20.38 -13.34 -20.88
CA GLU B 341 18.99 -13.57 -20.53
C GLU B 341 18.00 -12.79 -21.44
N ASN B 342 18.38 -11.60 -21.83
CA ASN B 342 17.55 -10.79 -22.72
C ASN B 342 18.36 -9.61 -23.23
N ILE B 343 17.99 -9.08 -24.38
CA ILE B 343 18.64 -7.88 -24.82
C ILE B 343 17.65 -6.90 -25.44
N LYS B 344 17.74 -5.64 -25.02
CA LYS B 344 16.91 -4.61 -25.59
C LYS B 344 17.76 -3.65 -26.35
N ILE B 345 17.29 -3.29 -27.55
CA ILE B 345 17.90 -2.23 -28.34
C ILE B 345 17.00 -1.01 -28.34
N ILE B 346 17.59 0.16 -28.11
CA ILE B 346 16.81 1.39 -27.97
C ILE B 346 17.34 2.34 -29.01
N ALA B 347 16.44 2.86 -29.85
CA ALA B 347 16.82 3.86 -30.84
C ALA B 347 15.90 5.07 -30.75
N ASN B 348 16.44 6.19 -30.29
CA ASN B 348 15.66 7.42 -30.09
C ASN B 348 14.54 7.26 -29.08
N GLY B 349 14.91 7.08 -27.81
CA GLY B 349 13.95 7.06 -26.73
C GLY B 349 12.86 6.01 -26.79
N LYS B 350 12.88 5.20 -27.85
CA LYS B 350 11.94 4.10 -28.01
C LYS B 350 12.64 2.73 -28.12
N VAL B 351 12.25 1.78 -27.27
CA VAL B 351 12.71 0.41 -27.41
C VAL B 351 12.25 -0.12 -28.76
N VAL B 352 13.13 -0.85 -29.44
CA VAL B 352 12.88 -1.30 -30.81
C VAL B 352 13.23 -2.77 -31.03
N VAL B 353 13.68 -3.44 -29.98
CA VAL B 353 14.10 -4.84 -30.04
C VAL B 353 14.08 -5.36 -28.60
N ASP B 354 13.46 -6.50 -28.38
CA ASP B 354 13.35 -6.99 -27.02
C ASP B 354 13.48 -8.50 -27.07
N LYS B 355 14.54 -8.97 -27.71
CA LYS B 355 14.75 -10.40 -27.88
C LYS B 355 15.11 -11.04 -26.56
N ASP B 356 14.26 -11.95 -26.09
CA ASP B 356 14.67 -12.84 -25.02
C ASP B 356 15.64 -13.80 -25.69
N ILE B 357 16.60 -14.32 -24.94
CA ILE B 357 17.56 -15.26 -25.52
C ILE B 357 17.68 -16.54 -24.72
N ASN B 358 18.35 -16.46 -23.57
CA ASN B 358 18.56 -17.60 -22.69
C ASN B 358 19.21 -18.83 -23.33
N GLU B 359 19.80 -18.65 -24.51
CA GLU B 359 20.60 -19.68 -25.16
C GLU B 359 22.07 -19.49 -24.71
N TRP B 360 22.91 -20.51 -24.86
CA TRP B 360 24.35 -20.32 -24.65
C TRP B 360 25.07 -19.98 -25.95
N ILE B 361 26.03 -19.06 -25.85
CA ILE B 361 26.88 -18.73 -26.96
C ILE B 361 28.29 -19.10 -26.57
N SER B 362 28.86 -20.05 -27.29
CA SER B 362 30.26 -20.41 -27.07
C SER B 362 31.06 -20.26 -28.37
N GLY B 363 32.37 -20.22 -28.24
CA GLY B 363 33.25 -20.10 -29.40
C GLY B 363 33.21 -18.69 -29.94
N ASN B 364 33.29 -18.54 -31.25
CA ASN B 364 33.22 -17.23 -31.89
C ASN B 364 31.89 -17.05 -32.60
N SER B 365 30.86 -17.71 -32.09
CA SER B 365 29.52 -17.69 -32.66
C SER B 365 29.03 -16.26 -32.82
N THR B 366 28.12 -16.02 -33.75
CA THR B 366 27.62 -14.69 -33.98
C THR B 366 26.12 -14.71 -33.93
N TYR B 367 25.56 -14.57 -32.73
CA TYR B 367 24.11 -14.51 -32.49
C TYR B 367 23.39 -13.33 -33.16
N ASN B 368 22.34 -13.61 -33.95
CA ASN B 368 21.58 -12.52 -34.56
C ASN B 368 20.39 -12.19 -33.70
N ILE B 369 20.11 -10.90 -33.53
CA ILE B 369 18.94 -10.46 -32.76
C ILE B 369 17.92 -9.70 -33.62
N LYS B 370 18.29 -9.37 -34.86
CA LYS B 370 17.37 -8.78 -35.84
C LYS B 370 17.80 -9.17 -37.25
N TRP C 1 4.37 18.81 26.27
CA TRP C 1 4.67 20.20 25.96
C TRP C 1 4.62 21.06 27.19
N ASP C 2 5.30 22.20 27.15
CA ASP C 2 5.27 23.11 28.27
C ASP C 2 3.88 23.72 28.34
N GLY C 3 3.46 24.14 29.53
CA GLY C 3 2.23 24.89 29.71
C GLY C 3 2.26 25.66 31.00
N LYS C 4 1.75 26.89 30.99
CA LYS C 4 1.62 27.71 32.21
C LYS C 4 0.14 27.78 32.66
N ILE C 5 -0.09 27.78 33.98
CA ILE C 5 -1.43 27.72 34.54
C ILE C 5 -2.42 28.74 34.00
N ASP C 6 -1.94 29.94 33.70
CA ASP C 6 -2.80 30.98 33.17
C ASP C 6 -3.25 30.71 31.73
N GLY C 7 -2.99 29.48 31.26
CA GLY C 7 -3.44 29.05 29.95
C GLY C 7 -2.65 29.62 28.80
N THR C 8 -1.33 29.59 28.94
CA THR C 8 -0.45 30.11 27.91
C THR C 8 0.67 29.11 27.63
N GLY C 9 1.40 29.30 26.53
CA GLY C 9 2.54 28.46 26.26
C GLY C 9 2.21 27.41 25.25
N THR C 10 3.13 26.47 25.04
CA THR C 10 3.00 25.52 23.94
C THR C 10 1.62 24.88 23.87
N HIS C 11 1.12 24.38 24.99
CA HIS C 11 -0.16 23.67 24.98
C HIS C 11 -1.32 24.54 24.51
N ALA C 12 -1.29 25.81 24.91
CA ALA C 12 -2.34 26.76 24.59
C ALA C 12 -2.24 27.17 23.14
N MET C 13 -1.01 27.28 22.64
CA MET C 13 -0.82 27.60 21.24
C MET C 13 -1.38 26.50 20.34
N ILE C 14 -1.28 25.26 20.80
CA ILE C 14 -1.76 24.13 20.03
C ILE C 14 -3.28 24.11 19.90
N VAL C 15 -4.01 24.29 20.99
CA VAL C 15 -5.46 24.30 20.90
C VAL C 15 -5.91 25.52 20.11
N THR C 16 -5.23 26.64 20.33
CA THR C 16 -5.62 27.91 19.72
C THR C 16 -5.54 27.80 18.20
N GLN C 17 -4.45 27.22 17.72
CA GLN C 17 -4.26 26.97 16.30
C GLN C 17 -5.20 25.90 15.80
N GLY C 18 -5.43 24.88 16.61
CA GLY C 18 -6.35 23.81 16.25
C GLY C 18 -7.74 24.32 15.93
N VAL C 19 -8.16 25.38 16.61
CA VAL C 19 -9.44 26.02 16.33
C VAL C 19 -9.34 26.85 15.06
N SER C 20 -8.36 27.75 15.03
CA SER C 20 -8.12 28.62 13.88
C SER C 20 -8.00 27.80 12.58
N ILE C 21 -7.46 26.59 12.70
CA ILE C 21 -7.29 25.63 11.59
C ILE C 21 -8.63 25.10 11.13
N LEU C 22 -9.47 24.74 12.09
CA LEU C 22 -10.76 24.18 11.77
C LEU C 22 -11.60 25.19 11.01
N GLU C 23 -11.41 26.46 11.32
CA GLU C 23 -12.10 27.52 10.60
C GLU C 23 -11.63 27.52 9.16
N ASN C 24 -10.33 27.71 8.96
CA ASN C 24 -9.76 27.83 7.63
C ASN C 24 -10.03 26.61 6.75
N ASP C 25 -10.39 25.47 7.37
CA ASP C 25 -10.53 24.22 6.60
C ASP C 25 -11.98 23.84 6.48
N LEU C 26 -12.85 24.60 7.14
CA LEU C 26 -14.25 24.24 7.26
C LEU C 26 -14.99 24.24 5.91
N SER C 27 -15.56 23.09 5.56
CA SER C 27 -16.27 22.93 4.28
C SER C 27 -17.54 23.76 4.20
N LYS C 28 -18.10 23.86 2.99
CA LYS C 28 -19.32 24.63 2.76
C LYS C 28 -20.58 23.75 2.91
N ASN C 29 -20.43 22.45 2.63
CA ASN C 29 -21.51 21.49 2.87
C ASN C 29 -21.56 21.07 4.35
N GLU C 30 -21.34 22.06 5.22
CA GLU C 30 -21.22 21.82 6.66
C GLU C 30 -22.43 22.37 7.42
N PRO C 31 -23.11 21.50 8.21
CA PRO C 31 -24.35 21.77 8.96
C PRO C 31 -24.39 23.11 9.71
N GLU C 32 -25.59 23.66 9.89
CA GLU C 32 -25.73 24.95 10.57
C GLU C 32 -25.30 24.80 12.02
N SER C 33 -25.73 23.69 12.62
CA SER C 33 -25.46 23.42 14.02
C SER C 33 -23.96 23.37 14.36
N VAL C 34 -23.18 22.67 13.54
CA VAL C 34 -21.74 22.57 13.71
C VAL C 34 -21.06 23.94 13.65
N ARG C 35 -21.47 24.74 12.67
CA ARG C 35 -20.93 26.09 12.53
C ARG C 35 -21.30 26.95 13.73
N LYS C 36 -22.50 26.72 14.27
CA LYS C 36 -22.97 27.46 15.44
C LYS C 36 -22.21 27.11 16.71
N ASN C 37 -22.05 25.82 16.96
CA ASN C 37 -21.32 25.35 18.13
C ASN C 37 -19.86 25.80 18.13
N LEU C 38 -19.19 25.74 16.97
CA LEU C 38 -17.84 26.27 16.87
C LEU C 38 -17.78 27.76 17.26
N GLU C 39 -18.88 28.47 17.10
CA GLU C 39 -18.92 29.85 17.55
C GLU C 39 -18.91 29.86 19.08
N ILE C 40 -19.72 28.99 19.66
CA ILE C 40 -19.80 28.84 21.10
C ILE C 40 -18.42 28.57 21.64
N LEU C 41 -17.73 27.64 21.00
CA LEU C 41 -16.40 27.24 21.40
C LEU C 41 -15.43 28.42 21.39
N LYS C 42 -15.44 29.19 20.32
CA LYS C 42 -14.59 30.39 20.24
C LYS C 42 -14.97 31.38 21.34
N GLU C 43 -16.25 31.44 21.68
CA GLU C 43 -16.71 32.33 22.75
C GLU C 43 -16.07 31.97 24.07
N ASN C 44 -15.55 30.74 24.14
CA ASN C 44 -14.98 30.18 25.36
C ASN C 44 -13.54 29.74 25.15
N MET C 45 -12.81 30.50 24.34
CA MET C 45 -11.45 30.16 23.97
C MET C 45 -10.57 30.23 25.20
N HIS C 46 -10.86 31.17 26.07
CA HIS C 46 -10.07 31.34 27.28
C HIS C 46 -10.10 30.06 28.12
N GLU C 47 -11.27 29.48 28.30
CA GLU C 47 -11.37 28.21 29.01
C GLU C 47 -10.76 27.01 28.24
N LEU C 48 -10.81 27.02 26.91
CA LEU C 48 -10.17 25.97 26.12
C LEU C 48 -8.65 25.99 26.33
N GLN C 49 -8.11 27.20 26.46
CA GLN C 49 -6.68 27.38 26.68
C GLN C 49 -6.25 27.02 28.09
N LEU C 50 -7.11 27.36 29.05
CA LEU C 50 -6.87 27.06 30.46
C LEU C 50 -6.89 25.55 30.68
N GLY C 51 -7.84 24.87 30.07
CA GLY C 51 -7.93 23.43 30.21
C GLY C 51 -6.72 22.78 29.56
N SER C 52 -6.23 23.41 28.50
CA SER C 52 -5.14 22.81 27.73
C SER C 52 -3.81 22.76 28.51
N THR C 53 -3.67 23.64 29.51
CA THR C 53 -2.44 23.75 30.29
C THR C 53 -2.61 23.09 31.65
N TYR C 54 -3.84 23.15 32.17
CA TYR C 54 -4.12 22.78 33.56
C TYR C 54 -3.66 21.41 34.03
N PRO C 55 -3.85 20.35 33.22
CA PRO C 55 -3.46 19.01 33.69
C PRO C 55 -2.06 18.89 34.33
N ASP C 56 -1.17 19.82 33.99
CA ASP C 56 0.21 19.86 34.50
C ASP C 56 0.23 20.41 35.91
N TYR C 57 -0.92 20.93 36.35
CA TYR C 57 -1.04 21.56 37.65
C TYR C 57 -2.13 20.96 38.56
N ASP C 58 -2.69 19.82 38.14
CA ASP C 58 -3.71 19.16 38.91
C ASP C 58 -3.02 18.27 39.92
N LYS C 59 -3.31 18.49 41.20
CA LYS C 59 -2.88 17.57 42.26
C LYS C 59 -3.71 16.27 42.21
N ASN C 60 -3.04 15.17 41.87
CA ASN C 60 -3.70 13.88 41.64
C ASN C 60 -3.20 12.83 42.58
N ALA C 61 -3.67 11.60 42.35
CA ALA C 61 -3.04 10.43 42.93
C ALA C 61 -1.91 9.99 42.01
N TYR C 62 -1.70 10.74 40.93
CA TYR C 62 -0.60 10.47 40.03
C TYR C 62 0.54 11.39 40.42
N ASP C 63 1.33 10.90 41.38
CA ASP C 63 2.41 11.67 42.00
C ASP C 63 3.39 12.24 40.97
N LEU C 64 3.38 11.68 39.76
CA LEU C 64 4.46 11.92 38.80
C LEU C 64 4.06 12.14 37.35
N TYR C 65 2.91 12.77 37.12
CA TYR C 65 2.43 12.96 35.76
C TYR C 65 2.36 11.64 35.00
N GLN C 66 2.11 10.54 35.70
CA GLN C 66 2.11 9.22 35.06
C GLN C 66 1.09 9.15 33.92
N ASP C 67 -0.10 9.71 34.16
CA ASP C 67 -1.15 9.64 33.16
C ASP C 67 -0.84 10.43 31.88
N HIS C 68 0.23 11.22 31.89
CA HIS C 68 0.63 11.98 30.72
C HIS C 68 1.50 11.18 29.70
N PHE C 69 1.69 9.90 29.94
CA PHE C 69 2.54 9.13 29.04
C PHE C 69 1.73 8.01 28.39
N TRP C 70 2.31 7.34 27.40
CA TRP C 70 1.62 6.26 26.71
C TRP C 70 2.48 5.64 25.62
N ASP C 71 2.80 4.35 25.76
CA ASP C 71 3.51 3.61 24.73
C ASP C 71 2.48 3.04 23.75
N PRO C 72 2.38 3.66 22.56
CA PRO C 72 1.37 3.28 21.56
C PRO C 72 1.54 1.85 21.05
N ASP C 73 2.70 1.25 21.34
CA ASP C 73 3.05 -0.11 20.92
C ASP C 73 2.51 -1.16 21.91
N ASN C 82 -4.89 -9.28 32.42
CA ASN C 82 -4.60 -10.34 33.37
C ASN C 82 -5.45 -10.32 34.64
N SER C 83 -5.42 -11.43 35.37
CA SER C 83 -6.22 -11.64 36.60
C SER C 83 -6.16 -10.47 37.59
N TRP C 84 -4.99 -9.83 37.65
CA TRP C 84 -4.71 -8.78 38.62
C TRP C 84 -5.73 -7.64 38.59
N TYR C 85 -6.14 -7.24 37.39
CA TYR C 85 -6.91 -6.01 37.22
C TYR C 85 -8.39 -6.21 37.42
N LEU C 86 -8.78 -7.43 37.75
CA LEU C 86 -10.17 -7.72 38.10
C LEU C 86 -10.38 -7.32 39.55
N ALA C 87 -9.25 -7.08 40.24
CA ALA C 87 -9.29 -6.76 41.67
C ALA C 87 -8.75 -5.37 41.93
N TYR C 88 -8.13 -4.77 40.92
CA TYR C 88 -7.46 -3.48 41.05
C TYR C 88 -7.83 -2.51 39.93
N SER C 89 -7.79 -1.22 40.25
CA SER C 89 -8.05 -0.18 39.26
C SER C 89 -6.89 -0.13 38.26
N ILE C 90 -7.21 -0.04 36.97
CA ILE C 90 -6.19 0.14 35.93
C ILE C 90 -5.68 1.58 35.87
N PRO C 91 -4.36 1.74 35.62
CA PRO C 91 -3.76 3.06 35.51
C PRO C 91 -4.14 3.72 34.19
N ASP C 92 -4.29 5.04 34.23
CA ASP C 92 -4.70 5.80 33.07
C ASP C 92 -3.49 6.20 32.27
N THR C 93 -3.73 6.53 31.01
CA THR C 93 -2.67 6.89 30.09
C THR C 93 -3.06 8.16 29.35
N GLY C 94 -2.13 8.73 28.60
CA GLY C 94 -2.46 9.88 27.78
C GLY C 94 -3.64 9.58 26.87
N GLU C 95 -3.67 8.36 26.34
CA GLU C 95 -4.77 7.94 25.50
C GLU C 95 -6.07 7.90 26.32
N SER C 96 -6.03 7.13 27.39
CA SER C 96 -7.14 6.96 28.31
C SER C 96 -7.81 8.26 28.73
N GLN C 97 -7.00 9.27 29.02
CA GLN C 97 -7.48 10.55 29.54
C GLN C 97 -8.22 11.35 28.46
N ILE C 98 -7.71 11.31 27.23
CA ILE C 98 -8.40 11.88 26.10
C ILE C 98 -9.85 11.39 26.06
N ARG C 99 -10.02 10.07 26.21
CA ARG C 99 -11.32 9.47 26.16
C ARG C 99 -12.17 9.93 27.32
N LYS C 100 -11.53 10.12 28.49
CA LYS C 100 -12.29 10.51 29.68
C LYS C 100 -12.75 11.99 29.64
N PHE C 101 -11.84 12.87 29.26
CA PHE C 101 -12.16 14.29 29.23
C PHE C 101 -13.08 14.63 28.11
N SER C 102 -12.95 13.89 27.01
CA SER C 102 -13.88 14.03 25.89
C SER C 102 -15.29 13.62 26.33
N ALA C 103 -15.37 12.58 27.16
CA ALA C 103 -16.63 12.13 27.73
C ALA C 103 -17.21 13.20 28.62
N LEU C 104 -16.37 13.85 29.41
CA LEU C 104 -16.86 14.91 30.28
C LEU C 104 -17.26 16.15 29.48
N ALA C 105 -16.43 16.49 28.48
CA ALA C 105 -16.68 17.63 27.61
C ALA C 105 -18.04 17.52 26.92
N ARG C 106 -18.31 16.34 26.38
CA ARG C 106 -19.60 16.05 25.73
C ARG C 106 -20.75 16.11 26.71
N TYR C 107 -20.54 15.56 27.90
CA TYR C 107 -21.58 15.55 28.91
C TYR C 107 -22.03 16.96 29.32
N GLU C 108 -21.06 17.83 29.61
CA GLU C 108 -21.37 19.19 30.03
C GLU C 108 -22.07 19.95 28.91
N TRP C 109 -21.60 19.74 27.69
CA TRP C 109 -22.15 20.42 26.53
C TRP C 109 -23.63 20.08 26.30
N GLN C 110 -23.94 18.78 26.23
CA GLN C 110 -25.29 18.31 25.99
C GLN C 110 -26.27 18.93 26.97
N ARG C 111 -25.78 19.40 28.11
CA ARG C 111 -26.71 19.93 29.11
C ARG C 111 -26.51 21.40 29.42
N GLY C 112 -25.67 22.09 28.66
CA GLY C 112 -25.61 23.53 28.80
C GLY C 112 -24.32 24.22 29.23
N ASN C 113 -23.63 23.68 30.23
CA ASN C 113 -22.39 24.32 30.64
C ASN C 113 -21.31 24.25 29.55
N TYR C 114 -21.33 25.23 28.64
CA TYR C 114 -20.36 25.30 27.55
C TYR C 114 -19.00 25.77 28.02
N LYS C 115 -18.99 26.63 29.03
CA LYS C 115 -17.74 27.14 29.57
C LYS C 115 -16.95 25.98 30.16
N GLN C 116 -17.57 25.19 31.04
CA GLN C 116 -16.85 24.06 31.64
C GLN C 116 -16.70 22.92 30.65
N ALA C 117 -17.69 22.74 29.78
CA ALA C 117 -17.54 21.75 28.72
C ALA C 117 -16.27 22.04 27.94
N THR C 118 -16.09 23.29 27.54
CA THR C 118 -14.90 23.72 26.79
C THR C 118 -13.61 23.48 27.61
N PHE C 119 -13.66 23.80 28.90
CA PHE C 119 -12.51 23.56 29.76
C PHE C 119 -12.10 22.11 29.72
N TYR C 120 -13.06 21.20 29.96
CA TYR C 120 -12.82 19.76 29.92
C TYR C 120 -12.21 19.36 28.58
N LEU C 121 -12.79 19.86 27.48
CA LEU C 121 -12.30 19.58 26.14
C LEU C 121 -10.85 20.03 25.98
N GLY C 122 -10.56 21.23 26.44
CA GLY C 122 -9.19 21.70 26.48
C GLY C 122 -8.26 20.78 27.25
N GLU C 123 -8.77 20.18 28.33
CA GLU C 123 -8.04 19.21 29.14
C GLU C 123 -7.74 17.92 28.38
N ALA C 124 -8.73 17.38 27.68
CA ALA C 124 -8.54 16.25 26.78
C ALA C 124 -7.42 16.53 25.79
N MET C 125 -7.42 17.73 25.23
CA MET C 125 -6.41 18.09 24.25
C MET C 125 -5.01 18.25 24.84
N HIS C 126 -4.91 18.47 26.16
CA HIS C 126 -3.60 18.54 26.83
C HIS C 126 -2.89 17.23 26.63
N TYR C 127 -3.61 16.16 26.97
CA TYR C 127 -3.15 14.80 26.81
C TYR C 127 -2.82 14.43 25.38
N PHE C 128 -3.68 14.78 24.43
CA PHE C 128 -3.32 14.48 23.05
C PHE C 128 -2.01 15.18 22.70
N GLY C 129 -1.94 16.47 22.95
CA GLY C 129 -0.71 17.19 22.67
C GLY C 129 0.49 16.46 23.22
N ASP C 130 0.31 15.76 24.34
CA ASP C 130 1.42 15.10 25.03
C ASP C 130 1.83 13.78 24.38
N ILE C 131 0.87 13.04 23.85
CA ILE C 131 1.22 11.81 23.15
C ILE C 131 1.76 12.17 21.75
N ASP C 132 1.70 13.45 21.39
CA ASP C 132 2.26 13.92 20.14
C ASP C 132 3.62 14.59 20.35
N THR C 133 4.07 14.64 21.59
CA THR C 133 5.44 15.01 21.88
C THR C 133 6.29 13.81 21.48
N PRO C 134 7.60 14.01 21.32
CA PRO C 134 8.53 12.89 21.11
C PRO C 134 8.76 12.05 22.37
N TYR C 135 8.90 12.70 23.52
CA TYR C 135 9.28 12.02 24.76
C TYR C 135 8.16 11.25 25.50
N HIS C 136 6.91 11.69 25.40
CA HIS C 136 5.83 10.98 26.05
C HIS C 136 5.43 9.62 25.41
N PRO C 137 5.33 9.55 24.06
CA PRO C 137 4.99 8.26 23.45
C PRO C 137 6.13 7.28 23.60
N ALA C 138 7.35 7.79 23.62
CA ALA C 138 8.55 6.95 23.76
C ALA C 138 8.78 6.61 25.21
N ASN C 139 7.94 7.17 26.08
CA ASN C 139 7.94 6.87 27.50
C ASN C 139 9.27 7.21 28.16
N VAL C 140 9.87 8.31 27.70
CA VAL C 140 11.12 8.80 28.28
C VAL C 140 10.85 9.97 29.21
N THR C 141 10.86 9.71 30.51
CA THR C 141 10.51 10.72 31.50
C THR C 141 11.68 11.68 31.72
N ALA C 142 11.43 12.76 32.47
CA ALA C 142 12.47 13.74 32.75
C ALA C 142 13.61 13.12 33.57
N VAL C 143 13.30 12.01 34.25
CA VAL C 143 14.32 11.20 34.91
C VAL C 143 15.04 10.35 33.85
N ASP C 144 14.25 9.56 33.12
CA ASP C 144 14.73 8.71 32.04
C ASP C 144 15.80 9.37 31.14
N SER C 145 15.69 10.68 30.91
CA SER C 145 16.63 11.44 30.06
C SER C 145 16.53 12.95 30.29
N ALA C 146 17.64 13.65 30.12
CA ALA C 146 17.65 15.10 30.36
C ALA C 146 17.10 15.90 29.18
N GLY C 147 16.77 15.20 28.10
CA GLY C 147 16.30 15.85 26.88
C GLY C 147 14.84 16.22 26.97
N HIS C 148 14.07 15.42 27.71
CA HIS C 148 12.65 15.69 27.90
C HIS C 148 12.41 17.14 28.21
N VAL C 149 13.08 17.64 29.24
CA VAL C 149 12.84 19.00 29.70
C VAL C 149 13.51 20.04 28.82
N LYS C 150 14.75 19.76 28.39
CA LYS C 150 15.50 20.71 27.57
C LYS C 150 14.82 20.91 26.20
N PHE C 151 14.17 19.86 25.68
CA PHE C 151 13.46 19.93 24.40
C PHE C 151 12.13 20.66 24.49
N GLU C 152 11.25 20.19 25.37
CA GLU C 152 9.94 20.81 25.59
C GLU C 152 10.09 22.31 25.79
N THR C 153 11.28 22.70 26.26
CA THR C 153 11.61 24.08 26.55
C THR C 153 12.15 24.79 25.35
N PHE C 154 13.06 24.13 24.64
CA PHE C 154 13.51 24.59 23.34
C PHE C 154 12.30 24.91 22.44
N ALA C 155 11.35 23.96 22.39
CA ALA C 155 10.11 24.12 21.63
C ALA C 155 9.18 25.18 22.24
N GLU C 156 9.30 25.45 23.53
CA GLU C 156 8.52 26.51 24.15
C GLU C 156 8.95 27.85 23.61
N GLU C 157 10.26 28.10 23.63
CA GLU C 157 10.82 29.38 23.21
C GLU C 157 10.66 29.64 21.72
N ARG C 158 10.20 28.62 21.00
CA ARG C 158 10.08 28.71 19.54
C ARG C 158 8.67 28.42 19.02
N LYS C 159 7.74 28.12 19.91
CA LYS C 159 6.40 27.68 19.55
C LYS C 159 5.78 28.48 18.42
N GLU C 160 6.00 29.79 18.43
CA GLU C 160 5.41 30.70 17.45
C GLU C 160 5.78 30.32 16.02
N GLN C 161 7.07 30.09 15.79
CA GLN C 161 7.54 29.82 14.45
C GLN C 161 7.20 28.42 13.94
N TYR C 162 6.33 27.69 14.63
CA TYR C 162 5.94 26.36 14.18
C TYR C 162 4.44 26.26 13.99
N LYS C 163 3.75 27.40 14.00
CA LYS C 163 2.29 27.44 13.85
C LYS C 163 1.90 26.97 12.46
N ILE C 164 0.67 26.49 12.32
CA ILE C 164 0.15 26.09 11.01
C ILE C 164 -1.33 26.46 10.85
N ASN C 165 -1.69 26.94 9.65
CA ASN C 165 -3.01 27.48 9.40
C ASN C 165 -4.03 26.45 8.97
N THR C 166 -3.54 25.35 8.41
CA THR C 166 -4.43 24.32 7.87
C THR C 166 -3.95 22.89 8.09
N ALA C 167 -4.89 21.95 8.11
CA ALA C 167 -4.58 20.54 8.15
C ALA C 167 -4.06 20.07 6.78
N GLY C 168 -4.39 20.81 5.74
CA GLY C 168 -3.98 20.46 4.39
C GLY C 168 -5.14 20.01 3.53
N CYS C 169 -6.15 19.43 4.18
CA CYS C 169 -7.37 19.01 3.51
C CYS C 169 -8.47 20.05 3.75
N LYS C 170 -9.70 19.69 3.40
CA LYS C 170 -10.89 20.49 3.70
C LYS C 170 -11.83 19.55 4.42
N THR C 171 -12.90 20.08 5.02
CA THR C 171 -13.81 19.22 5.78
C THR C 171 -14.43 18.12 4.91
N ASN C 172 -14.50 18.37 3.62
CA ASN C 172 -14.99 17.37 2.69
C ASN C 172 -13.91 16.34 2.32
N GLU C 173 -12.65 16.74 2.43
CA GLU C 173 -11.54 15.90 2.00
C GLU C 173 -11.24 14.75 2.98
N ALA C 174 -10.12 14.07 2.78
CA ALA C 174 -9.90 12.76 3.41
C ALA C 174 -9.77 12.82 4.92
N PHE C 175 -8.73 13.50 5.39
CA PHE C 175 -8.40 13.57 6.81
C PHE C 175 -9.61 13.78 7.72
N TYR C 176 -10.50 14.69 7.31
CA TYR C 176 -11.60 15.12 8.18
C TYR C 176 -12.85 14.24 8.10
N THR C 177 -12.88 13.33 7.15
CA THR C 177 -14.10 12.56 6.96
C THR C 177 -14.01 11.16 7.57
N ASP C 178 -12.77 10.68 7.74
CA ASP C 178 -12.52 9.43 8.44
C ASP C 178 -12.84 9.62 9.91
N ILE C 179 -12.52 10.81 10.40
CA ILE C 179 -12.77 11.20 11.78
C ILE C 179 -14.24 10.97 12.13
N LEU C 180 -15.12 11.26 11.18
CA LEU C 180 -16.54 11.09 11.44
C LEU C 180 -16.99 9.68 11.11
N LYS C 181 -16.20 8.96 10.31
CA LYS C 181 -16.61 7.66 9.79
C LYS C 181 -17.05 6.70 10.89
N ASN C 182 -16.24 6.61 11.94
CA ASN C 182 -16.49 5.65 13.03
C ASN C 182 -17.48 6.15 14.11
N LYS C 183 -18.58 5.45 14.29
CA LYS C 183 -19.62 5.88 15.24
C LYS C 183 -19.21 5.69 16.71
N ASP C 184 -18.22 4.83 16.95
CA ASP C 184 -17.68 4.64 18.30
C ASP C 184 -16.51 5.58 18.55
N PHE C 185 -16.72 6.57 19.42
CA PHE C 185 -15.69 7.56 19.67
C PHE C 185 -14.45 6.92 20.25
N ASN C 186 -14.64 6.18 21.35
CA ASN C 186 -13.53 5.56 22.07
C ASN C 186 -12.68 4.68 21.17
N ALA C 187 -13.33 3.97 20.25
CA ALA C 187 -12.63 3.13 19.27
C ALA C 187 -11.79 3.96 18.30
N TRP C 188 -12.43 4.99 17.72
CA TRP C 188 -11.75 5.88 16.80
C TRP C 188 -10.61 6.61 17.47
N SER C 189 -10.88 7.14 18.66
CA SER C 189 -9.93 7.98 19.39
C SER C 189 -8.62 7.26 19.66
N LYS C 190 -8.73 6.02 20.13
CA LYS C 190 -7.54 5.24 20.48
C LYS C 190 -6.61 5.10 19.28
N GLU C 191 -7.19 4.79 18.12
CA GLU C 191 -6.39 4.53 16.93
C GLU C 191 -5.89 5.82 16.26
N TYR C 192 -6.79 6.78 16.10
CA TYR C 192 -6.46 8.15 15.69
C TYR C 192 -5.22 8.59 16.47
N ALA C 193 -5.36 8.61 17.79
CA ALA C 193 -4.31 9.01 18.72
C ALA C 193 -3.06 8.15 18.55
N ARG C 194 -3.26 6.85 18.35
CA ARG C 194 -2.13 5.93 18.21
C ARG C 194 -1.24 6.30 17.03
N GLY C 195 -1.88 6.74 15.95
CA GLY C 195 -1.14 7.08 14.75
C GLY C 195 -0.17 8.21 15.02
N PHE C 196 -0.72 9.29 15.60
CA PHE C 196 0.02 10.48 15.96
C PHE C 196 1.11 10.21 16.98
N ALA C 197 0.75 9.37 17.97
CA ALA C 197 1.66 8.99 19.04
C ALA C 197 2.78 8.11 18.49
N LYS C 198 2.43 7.23 17.55
CA LYS C 198 3.43 6.38 16.91
C LYS C 198 4.49 7.25 16.17
N THR C 199 4.02 8.30 15.50
CA THR C 199 4.92 9.24 14.85
C THR C 199 5.82 9.93 15.88
N GLY C 200 5.32 10.09 17.10
CA GLY C 200 6.10 10.69 18.15
C GLY C 200 7.28 9.81 18.52
N LYS C 201 7.00 8.55 18.89
CA LYS C 201 8.06 7.63 19.29
C LYS C 201 9.15 7.62 18.22
N SER C 202 8.71 7.62 16.96
CA SER C 202 9.62 7.58 15.82
C SER C 202 10.56 8.78 15.80
N ILE C 203 10.01 9.97 16.00
CA ILE C 203 10.79 11.20 15.94
C ILE C 203 11.73 11.35 17.11
N TYR C 204 11.40 10.69 18.23
CA TYR C 204 12.32 10.67 19.36
C TYR C 204 13.60 10.00 18.93
N TYR C 205 13.46 8.78 18.42
CA TYR C 205 14.61 7.93 18.14
C TYR C 205 15.46 8.49 17.01
N SER C 206 14.83 9.15 16.06
CA SER C 206 15.53 9.63 14.88
C SER C 206 16.02 11.09 14.97
N HIS C 207 15.19 11.97 15.53
CA HIS C 207 15.57 13.37 15.53
C HIS C 207 15.65 14.06 16.91
N ALA C 208 14.82 13.64 17.85
CA ALA C 208 14.67 14.41 19.09
C ALA C 208 15.30 13.84 20.36
N SER C 209 15.95 12.68 20.26
CA SER C 209 16.71 12.13 21.39
C SER C 209 17.87 13.07 21.81
N MET C 210 18.51 12.78 22.94
CA MET C 210 19.62 13.59 23.43
C MET C 210 20.85 13.45 22.53
N SER C 211 20.95 12.32 21.85
CA SER C 211 22.00 12.07 20.86
C SER C 211 21.75 12.89 19.60
N HIS C 212 20.83 12.39 18.78
CA HIS C 212 20.38 13.06 17.55
C HIS C 212 20.50 14.62 17.75
N SER C 213 20.79 15.37 16.70
CA SER C 213 21.41 16.74 16.80
C SER C 213 20.55 17.97 17.18
N TRP C 214 21.09 19.18 17.00
CA TRP C 214 20.36 20.42 17.32
C TRP C 214 19.54 21.02 16.17
N ASP C 215 20.07 20.91 14.96
CA ASP C 215 19.27 21.24 13.78
C ASP C 215 18.33 20.02 13.60
N ASP C 216 18.63 18.93 14.30
CA ASP C 216 17.75 17.77 14.34
C ASP C 216 16.53 18.06 15.21
N TRP C 217 16.74 18.80 16.30
CA TRP C 217 15.65 19.18 17.19
C TRP C 217 14.68 20.18 16.53
N ASP C 218 15.21 21.12 15.76
CA ASP C 218 14.36 22.08 15.05
C ASP C 218 13.37 21.35 14.15
N TYR C 219 13.87 20.39 13.36
CA TYR C 219 13.01 19.59 12.50
C TYR C 219 12.00 18.80 13.34
N ALA C 220 12.50 18.25 14.45
CA ALA C 220 11.72 17.42 15.37
C ALA C 220 10.49 18.17 15.89
N ALA C 221 10.72 19.39 16.35
CA ALA C 221 9.66 20.23 16.90
C ALA C 221 8.65 20.63 15.82
N LYS C 222 9.19 20.95 14.64
CA LYS C 222 8.36 21.37 13.51
C LYS C 222 7.27 20.34 13.27
N VAL C 223 7.70 19.10 13.11
CA VAL C 223 6.81 18.00 12.80
C VAL C 223 5.79 17.75 13.90
N THR C 224 6.27 17.55 15.12
CA THR C 224 5.41 17.13 16.24
C THR C 224 4.45 18.23 16.69
N LEU C 225 4.89 19.49 16.62
CA LEU C 225 4.03 20.63 16.90
C LEU C 225 2.97 20.83 15.80
N ALA C 226 3.38 20.58 14.56
CA ALA C 226 2.47 20.66 13.43
C ALA C 226 1.43 19.55 13.54
N ASN C 227 1.92 18.36 13.91
CA ASN C 227 1.05 17.20 14.11
C ASN C 227 0.04 17.46 15.20
N SER C 228 0.52 18.10 16.26
CA SER C 228 -0.29 18.33 17.44
C SER C 228 -1.40 19.26 17.05
N GLN C 229 -1.09 20.17 16.12
CA GLN C 229 -2.10 21.07 15.59
C GLN C 229 -3.13 20.36 14.67
N LYS C 230 -2.66 19.73 13.58
CA LYS C 230 -3.57 19.02 12.68
C LYS C 230 -4.41 18.00 13.46
N GLY C 231 -3.78 17.37 14.45
CA GLY C 231 -4.45 16.34 15.23
C GLY C 231 -5.48 16.93 16.17
N THR C 232 -5.10 18.03 16.84
CA THR C 232 -6.00 18.69 17.77
C THR C 232 -7.25 19.18 17.03
N ALA C 233 -7.04 19.73 15.83
CA ALA C 233 -8.13 20.18 14.98
C ALA C 233 -9.10 19.03 14.67
N GLY C 234 -8.54 17.88 14.32
CA GLY C 234 -9.34 16.68 14.09
C GLY C 234 -10.27 16.40 15.24
N TYR C 235 -9.70 16.30 16.44
CA TYR C 235 -10.46 16.03 17.66
C TYR C 235 -11.56 17.05 17.91
N ILE C 236 -11.22 18.33 17.83
CA ILE C 236 -12.24 19.38 17.96
C ILE C 236 -13.36 19.19 16.95
N TYR C 237 -12.99 19.05 15.67
CA TYR C 237 -13.95 18.75 14.61
C TYR C 237 -14.89 17.61 15.04
N ARG C 238 -14.31 16.44 15.30
CA ARG C 238 -15.07 15.31 15.80
C ARG C 238 -16.00 15.76 16.93
N PHE C 239 -15.48 16.57 17.85
CA PHE C 239 -16.26 17.00 19.00
C PHE C 239 -17.46 17.83 18.56
N LEU C 240 -17.22 18.77 17.67
CA LEU C 240 -18.27 19.65 17.19
C LEU C 240 -19.42 18.85 16.59
N HIS C 241 -19.09 17.82 15.83
CA HIS C 241 -20.10 16.96 15.24
C HIS C 241 -20.85 16.18 16.34
N ASP C 242 -20.09 15.54 17.22
CA ASP C 242 -20.66 14.65 18.26
C ASP C 242 -21.70 15.31 19.16
N VAL C 243 -21.61 16.63 19.34
CA VAL C 243 -22.50 17.32 20.26
C VAL C 243 -23.60 18.12 19.55
N SER C 244 -23.73 17.90 18.24
CA SER C 244 -24.78 18.54 17.46
C SER C 244 -25.88 17.57 17.09
N GLU C 245 -25.58 16.28 17.11
CA GLU C 245 -26.57 15.25 16.79
C GLU C 245 -26.96 14.46 18.05
N GLY C 246 -26.33 14.81 19.16
CA GLY C 246 -26.49 14.04 20.38
C GLY C 246 -26.02 12.59 20.23
N ASN C 247 -24.96 12.35 19.45
CA ASN C 247 -24.45 10.99 19.20
C ASN C 247 -24.44 10.08 20.44
N GLY C 252 -26.19 -0.58 23.82
CA GLY C 252 -25.75 -0.04 22.55
C GLY C 252 -24.32 -0.47 22.27
N LYS C 253 -23.76 -1.18 23.25
CA LYS C 253 -22.47 -1.83 23.18
C LYS C 253 -22.21 -2.48 24.53
N ASN C 254 -21.16 -3.30 24.59
CA ASN C 254 -20.78 -3.98 25.82
C ASN C 254 -20.01 -3.08 26.76
N VAL C 255 -20.42 -3.05 28.03
CA VAL C 255 -19.61 -2.42 29.07
C VAL C 255 -18.46 -3.34 29.49
N LYS C 256 -17.26 -3.06 28.99
CA LYS C 256 -16.09 -3.85 29.37
C LYS C 256 -15.24 -3.14 30.44
N GLU C 257 -15.31 -1.81 30.48
CA GLU C 257 -14.63 -0.96 31.48
C GLU C 257 -15.58 0.06 32.10
N LEU C 258 -15.31 0.46 33.34
CA LEU C 258 -15.98 1.62 33.92
C LEU C 258 -14.94 2.65 34.36
N VAL C 259 -15.19 3.92 34.07
CA VAL C 259 -14.32 5.00 34.56
C VAL C 259 -15.02 5.78 35.68
N ALA C 260 -14.38 5.87 36.84
CA ALA C 260 -14.93 6.69 37.92
C ALA C 260 -14.09 7.94 38.06
N TYR C 261 -14.76 9.08 38.03
CA TYR C 261 -14.08 10.34 38.17
C TYR C 261 -14.55 10.96 39.49
N ILE C 262 -13.77 10.76 40.54
CA ILE C 262 -14.16 11.17 41.88
C ILE C 262 -13.54 12.48 42.35
N SER C 263 -14.43 13.47 42.58
CA SER C 263 -14.01 14.76 43.10
C SER C 263 -14.16 14.77 44.61
N THR C 264 -13.06 14.96 45.32
CA THR C 264 -13.06 14.98 46.78
C THR C 264 -13.27 16.41 47.29
N SER C 265 -13.87 16.54 48.47
CA SER C 265 -14.19 17.85 49.01
C SER C 265 -12.95 18.70 49.33
N GLY C 266 -13.15 20.02 49.42
CA GLY C 266 -12.05 20.93 49.69
C GLY C 266 -11.91 21.24 51.17
N GLU C 267 -12.94 20.96 51.95
CA GLU C 267 -12.94 21.20 53.39
C GLU C 267 -11.86 20.37 54.09
N LYS C 268 -11.33 20.87 55.21
CA LYS C 268 -10.22 20.22 55.91
C LYS C 268 -10.54 18.74 56.22
N ASP C 269 -9.50 17.92 56.29
CA ASP C 269 -9.63 16.49 56.62
C ASP C 269 -10.72 15.76 55.84
N ALA C 270 -11.02 16.23 54.64
CA ALA C 270 -12.02 15.58 53.79
C ALA C 270 -11.43 14.37 53.06
N GLY C 271 -10.10 14.34 52.94
CA GLY C 271 -9.43 13.23 52.30
C GLY C 271 -9.22 12.08 53.27
N THR C 272 -8.83 10.92 52.73
CA THR C 272 -8.59 9.74 53.56
C THR C 272 -7.31 8.98 53.17
N ASP C 273 -6.59 8.52 54.19
CA ASP C 273 -5.45 7.64 53.97
C ASP C 273 -5.93 6.17 54.16
N ASP C 274 -7.25 6.01 54.29
CA ASP C 274 -7.91 4.68 54.42
C ASP C 274 -8.12 4.01 53.08
N TYR C 275 -8.31 2.69 53.08
CA TYR C 275 -8.45 1.95 51.82
C TYR C 275 -9.81 2.24 51.21
N MET C 276 -9.88 2.31 49.88
CA MET C 276 -11.15 2.58 49.21
C MET C 276 -11.41 1.62 48.09
N TYR C 277 -12.67 1.25 47.93
CA TYR C 277 -13.08 0.25 46.96
C TYR C 277 -14.27 0.72 46.16
N PHE C 278 -14.32 0.34 44.90
CA PHE C 278 -15.50 0.61 44.12
C PHE C 278 -16.04 -0.75 43.75
N GLY C 279 -17.36 -0.91 43.82
CA GLY C 279 -17.99 -2.18 43.53
C GLY C 279 -19.32 -2.06 42.82
N ILE C 280 -19.74 -3.18 42.23
CA ILE C 280 -21.00 -3.28 41.50
C ILE C 280 -21.69 -4.62 41.79
N LYS C 281 -23.02 -4.65 41.73
CA LYS C 281 -23.80 -5.92 41.71
C LYS C 281 -24.64 -5.94 40.44
N THR C 282 -24.61 -7.06 39.73
CA THR C 282 -25.36 -7.18 38.46
C THR C 282 -26.82 -7.64 38.65
N LYS C 283 -27.62 -7.49 37.60
CA LYS C 283 -29.02 -7.88 37.62
C LYS C 283 -29.18 -9.26 38.24
N ASP C 284 -28.34 -10.20 37.79
CA ASP C 284 -28.31 -11.55 38.34
C ASP C 284 -28.11 -11.54 39.85
N GLY C 285 -26.95 -11.05 40.28
CA GLY C 285 -26.63 -10.99 41.70
C GLY C 285 -25.12 -11.13 41.95
N LYS C 286 -24.36 -11.36 40.88
CA LYS C 286 -22.91 -11.46 40.94
C LYS C 286 -22.26 -10.08 41.20
N THR C 287 -21.20 -10.06 42.01
CA THR C 287 -20.56 -8.77 42.33
C THR C 287 -19.04 -8.73 42.06
N GLN C 288 -18.53 -7.51 41.86
CA GLN C 288 -17.11 -7.24 41.67
C GLN C 288 -16.69 -6.04 42.51
N GLU C 289 -15.52 -6.12 43.13
CA GLU C 289 -14.96 -4.96 43.84
C GLU C 289 -13.52 -4.77 43.42
N TRP C 290 -13.17 -3.51 43.11
CA TRP C 290 -11.80 -3.13 42.82
C TRP C 290 -11.35 -2.17 43.89
N GLU C 291 -10.07 -2.22 44.22
CA GLU C 291 -9.47 -1.21 45.07
C GLU C 291 -9.13 0.03 44.24
N MET C 292 -9.63 1.18 44.70
CA MET C 292 -9.31 2.43 44.03
C MET C 292 -7.92 2.89 44.49
N ASP C 293 -6.93 2.69 43.62
CA ASP C 293 -5.55 2.74 44.04
C ASP C 293 -4.65 3.12 42.87
N ASN C 294 -4.29 4.40 42.83
CA ASN C 294 -3.38 4.89 41.84
C ASN C 294 -1.95 4.84 42.40
N PRO C 295 -0.94 5.22 41.59
CA PRO C 295 0.46 5.18 42.02
C PRO C 295 0.73 5.92 43.33
N GLY C 296 0.32 7.18 43.40
CA GLY C 296 0.57 8.03 44.54
C GLY C 296 -0.57 8.04 45.55
N ASN C 297 -0.74 9.14 46.28
CA ASN C 297 -1.73 9.18 47.34
C ASN C 297 -3.12 9.41 46.81
N ASP C 298 -3.97 8.40 46.99
CA ASP C 298 -5.36 8.51 46.60
C ASP C 298 -6.18 9.32 47.62
N PHE C 299 -7.18 10.02 47.10
CA PHE C 299 -8.20 10.70 47.90
C PHE C 299 -7.65 11.74 48.86
N MET C 300 -6.80 12.62 48.37
CA MET C 300 -6.31 13.74 49.17
C MET C 300 -7.41 14.77 49.23
N THR C 301 -7.36 15.63 50.23
CA THR C 301 -8.35 16.70 50.34
C THR C 301 -8.35 17.52 49.06
N GLY C 302 -9.51 17.61 48.42
CA GLY C 302 -9.67 18.49 47.28
C GLY C 302 -9.29 17.98 45.90
N SER C 303 -8.55 16.87 45.83
CA SER C 303 -8.11 16.39 44.51
C SER C 303 -9.22 15.69 43.71
N LYS C 304 -9.05 15.65 42.40
CA LYS C 304 -9.99 14.96 41.52
C LYS C 304 -9.31 13.75 40.85
N ASP C 305 -9.68 12.55 41.28
CA ASP C 305 -9.00 11.32 40.87
C ASP C 305 -9.78 10.50 39.87
N THR C 306 -9.07 9.66 39.14
CA THR C 306 -9.66 8.85 38.09
C THR C 306 -9.37 7.36 38.22
N TYR C 307 -10.41 6.57 38.44
CA TYR C 307 -10.19 5.12 38.56
C TYR C 307 -10.84 4.32 37.42
N THR C 308 -10.06 3.51 36.72
CA THR C 308 -10.61 2.69 35.64
C THR C 308 -10.75 1.22 36.03
N PHE C 309 -11.94 0.66 35.83
CA PHE C 309 -12.27 -0.68 36.32
C PHE C 309 -12.53 -1.73 35.21
N LYS C 310 -11.88 -2.89 35.33
CA LYS C 310 -11.99 -3.96 34.33
C LYS C 310 -12.94 -5.07 34.74
N LEU C 311 -14.14 -5.05 34.18
CA LEU C 311 -15.15 -6.07 34.48
C LEU C 311 -14.73 -7.47 34.09
N LYS C 312 -15.07 -8.44 34.94
CA LYS C 312 -14.80 -9.85 34.66
C LYS C 312 -15.81 -10.43 33.66
N ASP C 313 -17.02 -9.87 33.63
CA ASP C 313 -18.01 -10.29 32.64
C ASP C 313 -17.91 -9.43 31.38
N GLU C 314 -17.09 -9.87 30.45
CA GLU C 314 -16.87 -9.10 29.23
C GLU C 314 -18.18 -8.77 28.51
N ASN C 315 -19.08 -9.75 28.40
CA ASN C 315 -20.36 -9.53 27.70
C ASN C 315 -21.48 -8.93 28.57
N LEU C 316 -21.33 -7.68 28.98
CA LEU C 316 -22.33 -7.06 29.83
C LEU C 316 -22.83 -5.73 29.24
N LYS C 317 -24.11 -5.46 29.40
CA LYS C 317 -24.68 -4.18 28.95
C LYS C 317 -25.05 -3.29 30.16
N ILE C 318 -25.07 -1.98 29.94
CA ILE C 318 -25.09 -1.00 31.03
C ILE C 318 -26.23 -1.15 32.04
N ASP C 319 -27.42 -1.47 31.53
CA ASP C 319 -28.60 -1.62 32.38
C ASP C 319 -28.50 -2.87 33.23
N ASP C 320 -27.67 -3.82 32.80
CA ASP C 320 -27.44 -5.07 33.52
C ASP C 320 -26.69 -4.79 34.80
N ILE C 321 -26.01 -3.65 34.85
CA ILE C 321 -25.34 -3.25 36.08
C ILE C 321 -26.32 -2.54 36.99
N GLN C 322 -26.95 -3.32 37.87
CA GLN C 322 -28.01 -2.82 38.71
C GLN C 322 -27.49 -1.98 39.87
N ASN C 323 -26.25 -2.22 40.28
CA ASN C 323 -25.73 -1.50 41.45
C ASN C 323 -24.33 -0.93 41.33
N MET C 324 -24.05 0.11 42.12
CA MET C 324 -22.73 0.75 42.19
C MET C 324 -22.53 1.39 43.56
N TRP C 325 -21.35 1.18 44.15
CA TRP C 325 -21.03 1.73 45.45
C TRP C 325 -19.53 1.90 45.58
N ILE C 326 -19.13 2.86 46.40
CA ILE C 326 -17.76 2.91 46.90
C ILE C 326 -17.81 2.43 48.36
N ARG C 327 -16.71 1.88 48.84
CA ARG C 327 -16.68 1.34 50.19
C ARG C 327 -15.33 1.62 50.86
N LYS C 328 -15.37 2.10 52.09
CA LYS C 328 -14.16 2.36 52.87
C LYS C 328 -13.84 1.16 53.79
N ARG C 329 -12.55 0.92 54.01
CA ARG C 329 -12.10 -0.05 55.00
C ARG C 329 -11.05 0.68 55.83
N LYS C 330 -11.20 0.61 57.13
CA LYS C 330 -10.30 1.38 58.01
C LYS C 330 -8.82 0.90 57.92
N TYR C 331 -7.93 1.86 57.65
CA TYR C 331 -6.49 1.62 57.56
C TYR C 331 -5.89 1.31 58.95
N THR C 332 -6.21 2.16 59.92
CA THR C 332 -5.76 1.92 61.29
C THR C 332 -6.88 2.20 62.30
N ALA C 333 -6.52 2.87 63.39
CA ALA C 333 -7.48 3.35 64.37
C ALA C 333 -7.53 4.87 64.23
N PHE C 334 -6.71 5.38 63.33
CA PHE C 334 -6.71 6.80 62.96
C PHE C 334 -7.93 7.10 62.10
N PRO C 335 -8.77 8.05 62.55
CA PRO C 335 -10.05 8.35 61.88
C PRO C 335 -9.92 9.27 60.67
N ASP C 336 -9.47 8.73 59.54
CA ASP C 336 -9.57 9.44 58.28
C ASP C 336 -10.99 9.23 57.78
N ALA C 337 -11.91 10.10 58.18
CA ALA C 337 -13.23 10.11 57.58
C ALA C 337 -13.12 10.83 56.24
N TYR C 338 -13.98 10.46 55.29
CA TYR C 338 -13.86 10.93 53.91
C TYR C 338 -15.12 11.63 53.38
N LYS C 339 -14.96 12.78 52.71
CA LYS C 339 -16.09 13.48 52.10
C LYS C 339 -15.97 13.67 50.58
N PRO C 340 -16.69 12.85 49.81
CA PRO C 340 -16.70 13.05 48.36
C PRO C 340 -17.60 14.23 47.98
N GLU C 341 -17.14 15.13 47.13
CA GLU C 341 -17.97 16.23 46.66
C GLU C 341 -18.92 15.79 45.57
N ASN C 342 -18.48 14.88 44.72
CA ASN C 342 -19.28 14.37 43.62
C ASN C 342 -18.58 13.22 42.95
N ILE C 343 -19.35 12.32 42.33
CA ILE C 343 -18.72 11.27 41.58
C ILE C 343 -19.43 10.99 40.29
N LYS C 344 -18.68 10.90 39.21
CA LYS C 344 -19.21 10.55 37.91
C LYS C 344 -18.72 9.18 37.48
N ILE C 345 -19.64 8.37 36.97
CA ILE C 345 -19.27 7.09 36.37
C ILE C 345 -19.40 7.18 34.87
N ILE C 346 -18.40 6.72 34.15
CA ILE C 346 -18.44 6.84 32.70
C ILE C 346 -18.35 5.48 32.09
N ALA C 347 -19.31 5.14 31.22
CA ALA C 347 -19.31 3.85 30.55
C ALA C 347 -19.46 4.01 29.04
N ASN C 348 -18.38 3.78 28.32
CA ASN C 348 -18.36 3.92 26.87
C ASN C 348 -18.56 5.36 26.45
N GLY C 349 -17.59 6.23 26.76
CA GLY C 349 -17.63 7.61 26.29
C GLY C 349 -18.84 8.45 26.70
N LYS C 350 -19.78 7.86 27.42
CA LYS C 350 -20.94 8.57 27.97
C LYS C 350 -21.01 8.51 29.49
N VAL C 351 -21.05 9.68 30.13
CA VAL C 351 -21.34 9.74 31.56
C VAL C 351 -22.67 9.05 31.81
N VAL C 352 -22.76 8.30 32.91
CA VAL C 352 -23.93 7.50 33.18
C VAL C 352 -24.38 7.59 34.64
N VAL C 353 -23.67 8.40 35.41
CA VAL C 353 -23.93 8.57 36.84
C VAL C 353 -23.30 9.90 37.19
N ASP C 354 -24.01 10.73 37.94
CA ASP C 354 -23.46 12.01 38.31
C ASP C 354 -23.94 12.35 39.69
N LYS C 355 -23.77 11.43 40.63
CA LYS C 355 -24.26 11.64 42.00
C LYS C 355 -23.43 12.69 42.71
N ASP C 356 -24.09 13.79 43.10
CA ASP C 356 -23.49 14.70 44.06
C ASP C 356 -23.56 13.95 45.39
N ILE C 357 -22.64 14.22 46.30
CA ILE C 357 -22.66 13.53 47.59
C ILE C 357 -22.52 14.52 48.75
N ASN C 358 -21.32 15.04 48.96
CA ASN C 358 -21.06 15.99 50.04
C ASN C 358 -21.45 15.50 51.45
N GLU C 359 -21.66 14.21 51.59
CA GLU C 359 -21.87 13.60 52.90
C GLU C 359 -20.51 13.10 53.42
N TRP C 360 -20.39 12.88 54.73
CA TRP C 360 -19.19 12.24 55.26
C TRP C 360 -19.35 10.73 55.32
N ILE C 361 -18.30 10.01 54.96
CA ILE C 361 -18.26 8.57 55.14
C ILE C 361 -17.15 8.24 56.13
N SER C 362 -17.53 7.67 57.27
CA SER C 362 -16.56 7.22 58.26
C SER C 362 -16.74 5.73 58.55
N GLY C 363 -15.73 5.12 59.17
CA GLY C 363 -15.81 3.70 59.50
C GLY C 363 -15.65 2.87 58.25
N ASN C 364 -16.33 1.73 58.22
CA ASN C 364 -16.27 0.88 57.04
C ASN C 364 -17.55 0.95 56.23
N SER C 365 -18.19 2.12 56.28
CA SER C 365 -19.45 2.36 55.60
C SER C 365 -19.36 2.05 54.11
N THR C 366 -20.49 1.70 53.50
CA THR C 366 -20.53 1.37 52.09
C THR C 366 -21.58 2.21 51.40
N TYR C 367 -21.19 3.40 50.98
CA TYR C 367 -22.07 4.34 50.25
C TYR C 367 -22.48 3.81 48.87
N ASN C 368 -23.79 3.84 48.59
CA ASN C 368 -24.26 3.41 47.29
C ASN C 368 -24.47 4.63 46.41
N ILE C 369 -24.09 4.52 45.14
CA ILE C 369 -24.29 5.60 44.17
C ILE C 369 -25.23 5.22 43.02
N LYS C 370 -25.63 3.94 42.98
CA LYS C 370 -26.64 3.44 42.04
C LYS C 370 -27.33 2.19 42.59
ZN ZN D . -19.35 -12.23 -18.32
CD CD E . -17.05 -11.25 -16.15
CD CD F . -17.41 -8.51 -20.45
CD CD G . -29.42 -9.96 -43.36
CA CA H . -0.16 -2.20 -6.92
C1 GOL I . -21.55 -17.74 -41.17
O1 GOL I . -20.25 -18.30 -41.31
C2 GOL I . -21.70 -16.45 -42.00
O2 GOL I . -22.87 -15.72 -41.66
C3 GOL I . -20.42 -15.58 -41.96
O3 GOL I . -20.75 -14.28 -41.52
CD CD J . 5.27 -2.84 -3.82
ZN ZN K . 22.88 9.53 -5.29
CD CD L . 24.52 7.35 -7.60
CD CD M . 27.49 10.46 -4.94
CD CD N . 32.44 30.13 1.80
CD CD O . 38.42 -4.13 -25.27
CA CA P . 36.27 -4.06 -20.16
CA CA Q . 31.76 -18.38 -18.66
CD CD R . 38.07 1.22 -12.81
CD CD S . 0.07 15.69 -23.70
C1 GOL T . 10.89 10.88 11.04
O1 GOL T . 9.53 11.17 10.80
C2 GOL T . 11.74 11.05 9.77
O2 GOL T . 12.53 12.21 9.88
C3 GOL T . 12.66 9.85 9.53
O3 GOL T . 14.01 10.29 9.40
ZN ZN U . 2.95 19.04 27.81
CD CD V . 1.68 17.23 30.59
CD CD W . 6.57 16.64 29.29
CD CD X . 20.78 13.23 13.66
CD CD Y . -3.71 -0.76 48.08
CA CA Z . -1.93 4.57 46.58
CD CD AA . -22.64 14.91 12.08
#